data_4BML
#
_entry.id   4BML
#
_cell.length_a   1.000
_cell.length_b   1.000
_cell.length_c   1.000
_cell.angle_alpha   90.00
_cell.angle_beta   90.00
_cell.angle_gamma   90.00
#
_symmetry.space_group_name_H-M   'P 1'
#
_entity_poly.entity_id   1
_entity_poly.type   'polypeptide(L)'
_entity_poly.pdbx_seq_one_letter_code
;MTTLSNFSLPNQANGGARNADYDVRYATALKLFSGEVFTAFNNASIFKGLVRSYDLRGGKSKQFMFTGKLSAGYHTPGTP
IVGDAGIKANEKTLVMDDLLVSSQFVYSLDEIFSQYSTRAEVSKQIGEALATHYDERIARVLAKASAEASPVTGEPGGFH
VNIGAGNTNDAQAIVDGFFEAAAVLDERSAPQEGRVAVLSPRQYYSLISSVDTNILNREIGNSQGDMNSGKGLYSIAGIR
ILKSNNLAGLYGQDLSSAAVTGENNDYQVDASALAGLIFHREAAGCIQSVAPTIQTTSGDFNVQYQGDLIVGKLAMGCGS
LRTSVAGSFQAA
;
_entity_poly.pdbx_strand_id   A,B,C,D,E,F,G
#
# COMPACT_ATOMS: atom_id res chain seq x y z
CA VAL A 24 -18.42 30.92 -41.57
CA ARG A 25 -18.69 27.55 -39.95
CA TYR A 26 -21.74 25.39 -40.73
CA ALA A 27 -23.42 23.92 -37.79
CA THR A 28 -24.74 20.26 -37.18
CA ALA A 29 -24.56 17.79 -37.54
CA LEU A 30 -25.45 18.63 -34.12
CA LYS A 31 -28.58 20.35 -35.06
CA LEU A 32 -29.54 16.78 -35.47
CA PHE A 33 -27.50 15.88 -32.59
CA SER A 34 -28.56 18.50 -30.12
CA GLY A 35 -32.11 18.21 -31.43
CA GLU A 36 -31.92 14.89 -29.92
CA VAL A 37 -29.93 15.81 -26.81
CA PHE A 38 -32.73 17.46 -25.39
CA THR A 39 -34.27 13.94 -24.87
CA ALA A 40 -33.38 14.25 -21.27
CA PHE A 41 -34.67 12.16 -20.03
CA ASN A 42 -35.72 8.93 -18.95
CA ASN A 43 -36.68 7.64 -15.77
CA ALA A 44 -39.12 5.10 -16.99
CA SER A 45 -37.74 2.36 -14.95
CA ILE A 46 -40.86 1.40 -13.06
CA PHE A 47 -42.48 -0.45 -15.76
CA LYS A 48 -40.80 -3.30 -14.42
CA GLY A 49 -41.21 -2.05 -10.99
CA LEU A 50 -44.79 -2.93 -11.51
CA VAL A 51 -43.46 -6.57 -11.92
CA ARG A 52 -45.44 -10.03 -11.62
CA SER A 53 -48.41 -12.33 -12.93
CA TYR A 54 -51.84 -11.82 -15.28
CA ASP A 55 -54.42 -11.25 -18.53
CA LEU A 56 -57.48 -11.22 -21.28
CA ARG A 57 -60.52 -8.60 -21.32
CA GLY A 58 -63.85 -6.57 -22.02
CA GLY A 59 -65.29 -3.84 -22.59
CA LYS A 60 -67.08 -1.20 -21.57
CA SER A 61 -67.27 -0.61 -17.70
CA LYS A 62 -66.20 -2.03 -14.16
CA GLN A 63 -65.05 -5.49 -12.43
CA PHE A 64 -63.42 -7.73 -9.17
CA MET A 65 -61.28 -10.56 -6.93
CA PHE A 66 -61.29 -13.13 -3.80
CA THR A 67 -59.37 -11.73 -1.12
CA GLY A 68 -59.36 -13.82 2.08
CA LYS A 69 -61.38 -16.23 4.11
CA LEU A 70 -61.17 -18.07 7.34
CA SER A 71 -59.33 -20.04 9.91
CA ALA A 72 -60.86 -22.40 12.55
CA GLY A 73 -59.74 -24.43 15.55
CA TYR A 74 -60.57 -26.34 18.06
CA HIS A 75 -60.86 -29.28 20.51
CA THR A 76 -63.85 -31.41 21.28
CA PRO A 77 -62.66 -34.44 23.03
CA GLY A 78 -65.50 -35.47 25.03
CA THR A 79 -67.66 -36.44 26.60
CA PRO A 80 -69.33 -34.60 23.72
CA ILE A 81 -68.78 -33.93 20.15
CA VAL A 82 -70.90 -31.49 18.26
CA GLY A 83 -70.73 -29.06 16.61
CA ASP A 84 -70.24 -26.91 13.89
CA ALA A 85 -68.11 -24.16 12.57
CA GLY A 86 -67.13 -20.82 11.83
CA ILE A 87 -67.19 -17.95 9.60
CA LYS A 88 -65.84 -15.56 7.23
CA ALA A 89 -65.53 -13.70 3.90
CA ASN A 90 -64.23 -11.24 1.34
CA GLU A 91 -63.55 -8.26 -0.58
CA LYS A 92 -62.38 -6.41 -3.69
CA THR A 93 -61.22 -3.69 -5.93
CA LEU A 94 -60.20 -2.14 -9.34
CA VAL A 95 -61.52 0.92 -11.15
CA MET A 96 -60.40 2.48 -14.45
CA ASP A 97 -58.59 5.70 -16.04
CA ASP A 98 -57.97 7.89 -19.07
CA LEU A 99 -55.60 10.03 -21.12
CA LEU A 100 -54.05 12.36 -24.12
CA VAL A 101 -51.11 13.90 -26.11
CA SER A 102 -49.86 17.14 -27.58
CA SER A 103 -48.31 18.76 -30.78
CA GLN A 104 -46.63 21.52 -32.61
CA PHE A 105 -46.04 25.29 -32.77
CA VAL A 106 -42.36 24.90 -33.26
CA TYR A 107 -41.86 28.37 -31.73
CA SER A 108 -38.66 30.40 -32.16
CA LEU A 109 -38.15 29.35 -35.73
CA ASP A 110 -40.53 31.80 -37.09
CA GLU A 111 -37.51 34.02 -36.67
CA ILE A 112 -34.65 31.62 -37.05
CA PHE A 113 -35.82 29.62 -38.97
CA SER A 114 -34.46 26.35 -38.32
CA GLN A 115 -35.21 23.17 -39.62
CA TYR A 116 -36.39 20.44 -37.40
CA SER A 117 -39.27 18.70 -35.75
CA THR A 118 -41.02 15.73 -36.69
CA ARG A 119 -40.33 12.33 -35.38
CA ALA A 120 -38.28 12.97 -32.22
CA GLU A 121 -41.31 14.31 -30.85
CA VAL A 122 -43.74 11.50 -30.85
CA SER A 123 -40.92 9.35 -29.64
CA LYS A 124 -40.42 11.80 -26.83
CA GLN A 125 -44.07 11.64 -26.47
CA ILE A 126 -44.24 7.82 -26.32
CA GLY A 127 -41.66 7.81 -23.59
CA GLU A 128 -43.08 10.77 -21.82
CA ALA A 129 -46.92 10.49 -22.08
CA LEU A 130 -46.73 6.83 -21.31
CA ALA A 131 -43.88 6.95 -18.79
CA THR A 132 -45.08 10.17 -17.24
CA HIS A 133 -48.31 8.65 -16.95
CA TYR A 134 -47.42 5.71 -15.14
CA ASP A 135 -44.98 6.83 -12.72
CA GLU A 136 -47.34 9.42 -11.27
CA ARG A 137 -49.43 6.47 -10.88
CA ILE A 138 -46.60 4.63 -9.39
CA ALA A 139 -46.42 7.57 -7.06
CA ARG A 140 -49.95 6.83 -6.39
CA VAL A 141 -49.94 2.96 -6.33
CA LEU A 142 -47.55 3.17 -3.54
CA ALA A 143 -48.91 6.36 -1.88
CA LYS A 144 -52.03 4.29 -1.34
CA ALA A 145 -50.25 1.08 -0.48
CA SER A 146 -49.36 3.23 2.49
CA ALA A 147 -50.60 2.45 5.92
CA GLU A 148 -52.89 -0.54 6.21
CA ALA A 149 -56.56 -0.48 5.70
CA SER A 150 -57.09 -3.97 4.91
CA PRO A 151 -56.74 -6.84 4.14
CA VAL A 152 -57.83 -8.90 5.46
CA THR A 153 -61.16 -10.00 4.64
CA GLY A 154 -62.20 -10.60 6.67
CA GLU A 155 -63.25 -8.99 8.14
CA PRO A 156 -60.82 -8.59 10.84
CA GLY A 157 -57.24 -8.73 10.36
CA GLY A 158 -55.09 -9.66 9.43
CA PHE A 159 -51.70 -8.70 8.70
CA HIS A 160 -49.66 -6.09 7.29
CA VAL A 161 -47.71 -3.45 8.67
CA ASN A 162 -46.03 -0.10 8.49
CA ILE A 163 -42.96 1.33 9.86
CA GLY A 164 -40.74 2.30 12.61
CA ALA A 165 -39.27 5.50 13.81
CA GLY A 166 -38.92 8.62 11.79
CA ASN A 167 -36.68 11.56 11.06
CA THR A 168 -33.55 11.59 8.98
CA ASN A 169 -32.97 9.81 5.89
CA ASP A 170 -29.60 8.33 6.80
CA ALA A 171 -31.26 6.42 8.79
CA GLN A 172 -31.54 3.76 6.30
CA ALA A 173 -28.04 2.30 6.88
CA ILE A 174 -29.03 2.31 10.55
CA VAL A 175 -32.48 1.45 9.55
CA ASP A 176 -31.74 -1.57 7.61
CA GLY A 177 -29.68 -2.36 10.61
CA PHE A 178 -32.79 -3.32 12.41
CA PHE A 179 -33.94 -4.51 9.83
CA GLU A 180 -36.85 -4.58 7.46
CA ALA A 181 -36.38 -8.28 7.63
CA ALA A 182 -38.27 -7.65 10.68
CA ALA A 183 -41.08 -6.53 8.47
CA VAL A 184 -40.44 -9.44 6.07
CA LEU A 185 -39.93 -11.94 8.94
CA ASP A 186 -42.69 -11.19 11.52
CA GLU A 187 -44.34 -11.03 8.17
CA ARG A 188 -43.01 -14.28 6.89
CA SER A 189 -45.80 -15.99 8.34
CA ALA A 190 -47.31 -14.93 5.18
CA PRO A 191 -46.82 -16.26 1.89
CA GLN A 192 -43.87 -16.45 1.63
CA GLU A 193 -40.19 -16.80 1.03
CA GLY A 194 -38.51 -13.70 -0.10
CA ARG A 195 -38.79 -11.35 -2.77
CA VAL A 196 -36.83 -8.80 -4.54
CA ALA A 197 -35.41 -5.57 -3.48
CA VAL A 198 -36.50 -2.15 -4.07
CA LEU A 199 -35.18 1.22 -4.58
CA SER A 200 -34.48 4.58 -3.46
CA PRO A 201 -32.83 7.84 -4.42
CA ARG A 202 -29.33 8.90 -4.39
CA GLN A 203 -28.93 8.26 -0.82
CA TYR A 204 -28.93 4.76 -1.47
CA TYR A 205 -25.41 5.51 -2.87
CA SER A 206 -24.89 7.57 0.18
CA LEU A 207 -25.31 4.27 1.76
CA ILE A 208 -23.24 2.27 -0.72
CA SER A 209 -19.96 4.07 -0.25
CA SER A 210 -19.98 6.26 2.15
CA VAL A 211 -20.77 4.27 5.08
CA ASP A 212 -19.27 1.72 7.25
CA THR A 213 -20.92 -1.39 8.10
CA ASN A 214 -21.68 -2.72 5.46
CA ILE A 215 -19.09 -2.37 3.30
CA LEU A 216 -16.22 -3.75 5.10
CA ASN A 217 -14.36 -4.86 2.01
CA ARG A 218 -13.26 -4.32 -0.62
CA GLU A 219 -11.88 -1.92 -3.08
CA ILE A 220 -9.31 -1.94 -5.74
CA GLY A 221 -7.07 0.74 -6.93
CA ASN A 222 -7.76 3.61 -9.13
CA SER A 223 -9.29 3.62 -12.42
CA GLN A 224 -10.80 5.48 -13.04
CA GLY A 225 -13.64 7.34 -13.05
CA ASP A 226 -15.90 7.60 -10.37
CA MET A 227 -17.49 4.73 -9.98
CA ASN A 228 -14.97 1.95 -9.43
CA SER A 229 -16.64 0.51 -6.50
CA GLY A 230 -19.03 2.02 -6.70
CA LYS A 231 -21.60 0.73 -9.08
CA GLY A 232 -23.88 -2.16 -8.41
CA LEU A 233 -24.15 -5.68 -9.24
CA TYR A 234 -25.85 -8.41 -10.77
CA SER A 235 -29.27 -7.94 -11.64
CA ILE A 236 -31.77 -10.54 -10.67
CA ALA A 237 -34.96 -8.69 -10.01
CA GLY A 238 -35.09 -5.34 -8.90
CA ILE A 239 -33.72 -2.14 -7.55
CA ARG A 240 -31.67 0.06 -9.62
CA ILE A 241 -33.15 3.31 -10.71
CA LEU A 242 -33.12 6.83 -9.81
CA LYS A 243 -35.93 8.09 -10.20
CA SER A 244 -39.27 9.67 -9.81
CA ASN A 245 -39.66 7.85 -6.61
CA ASN A 246 -38.72 10.84 -4.47
CA LEU A 247 -40.20 13.27 -6.69
CA ALA A 248 -43.10 11.42 -5.04
CA GLY A 249 -41.37 13.35 -2.38
CA LEU A 250 -44.24 15.61 -1.95
CA TYR A 251 -46.71 16.99 -1.25
CA GLY A 252 -48.80 20.04 -1.25
CA GLN A 253 -51.37 18.70 1.20
CA ASP A 254 -53.53 17.74 -0.47
CA LEU A 255 -57.17 17.79 -1.21
CA SER A 256 -57.95 17.82 -4.84
CA SER A 257 -56.55 15.30 -7.00
CA ALA A 258 -58.82 16.03 -9.92
CA ALA A 259 -58.84 12.47 -11.18
CA VAL A 260 -61.17 11.50 -13.04
CA THR A 261 -60.51 8.00 -12.04
CA GLY A 262 -59.88 6.22 -8.92
CA GLU A 263 -58.57 6.21 -6.70
CA ASN A 264 -55.15 7.42 -5.91
CA ASN A 265 -52.58 9.30 -4.29
CA ASP A 266 -52.74 10.67 -0.87
CA TYR A 267 -50.98 13.10 0.80
CA GLN A 268 -47.75 12.30 2.22
CA VAL A 269 -44.20 12.84 1.71
CA ASP A 270 -41.38 10.95 0.41
CA ALA A 271 -41.07 7.33 1.01
CA SER A 272 -37.82 5.57 1.21
CA ALA A 273 -38.60 2.30 1.95
CA LEU A 274 -41.14 1.15 -0.61
CA ALA A 275 -40.92 -2.56 -0.37
CA GLY A 276 -41.87 -3.95 -3.74
CA LEU A 277 -44.29 -6.94 -2.64
CA ILE A 278 -44.31 -8.84 -5.98
CA PHE A 279 -47.49 -7.76 -7.45
CA HIS A 280 -49.80 -5.74 -9.80
CA ARG A 281 -49.76 -4.39 -13.17
CA GLU A 282 -49.78 -1.67 -15.85
CA ALA A 283 -48.10 -2.48 -19.11
CA ALA A 284 -47.92 0.12 -21.84
CA GLY A 285 -49.87 1.79 -24.56
CA CYS A 286 -50.34 3.42 -27.85
CA ILE A 287 -50.10 5.77 -30.58
CA GLN A 288 -50.87 7.24 -33.97
CA SER A 289 -52.84 10.15 -35.04
CA VAL A 290 -52.88 11.23 -38.52
CA ALA A 291 -54.79 11.97 -41.65
CA PRO A 292 -55.83 14.79 -43.97
CA THR A 293 -59.16 15.86 -42.73
CA ILE A 294 -57.85 18.12 -40.11
CA GLN A 295 -55.41 19.41 -42.75
CA THR A 296 -58.60 20.86 -44.33
CA THR A 297 -59.42 23.19 -41.58
CA SER A 298 -59.38 25.90 -41.40
CA GLY A 299 -59.21 26.21 -37.63
CA ASP A 300 -57.47 26.10 -34.31
CA PHE A 301 -58.39 28.76 -31.73
CA ASN A 302 -55.00 28.89 -29.88
CA VAL A 303 -52.36 27.25 -32.10
CA GLN A 304 -51.59 23.66 -32.78
CA TYR A 305 -51.44 22.53 -36.49
CA GLN A 306 -51.04 18.75 -36.04
CA GLY A 307 -52.21 15.36 -34.85
CA ASP A 308 -51.64 13.54 -31.69
CA LEU A 309 -51.72 10.23 -30.00
CA ILE A 310 -52.69 8.04 -27.17
CA VAL A 311 -53.22 4.95 -25.05
CA GLY A 312 -56.33 3.71 -23.37
CA LYS A 313 -56.57 1.68 -20.18
CA LEU A 314 -55.75 1.88 -16.77
CA ALA A 315 -53.90 2.13 -13.63
CA MET A 316 -54.45 0.14 -10.45
CA GLY A 317 -53.15 -0.35 -7.17
CA CYS A 318 -53.19 -4.08 -6.63
CA GLY A 319 -54.87 -4.06 -3.29
CA SER A 320 -51.64 -4.94 -1.38
CA LEU A 321 -53.10 -8.31 -0.65
CA ARG A 322 -51.59 -8.94 2.81
CA THR A 323 -48.21 -7.73 2.27
CA SER A 324 -46.50 -4.65 3.38
CA VAL A 325 -45.10 -2.06 3.41
CA ALA A 326 -42.99 0.95 2.65
CA GLY A 327 -40.29 0.08 5.15
CA SER A 328 -40.19 3.72 6.19
CA PHE A 329 -40.81 6.45 6.71
CA GLN A 330 -42.90 9.24 6.41
CA ALA A 331 -44.63 12.40 7.53
CA ALA A 332 -46.80 14.14 7.51
CA VAL B 24 -70.26 -6.42 -16.61
CA ARG B 25 -67.33 -6.66 -16.02
CA TYR B 26 -65.10 -8.98 -14.17
CA ALA B 27 -64.36 -12.34 -12.81
CA THR B 28 -62.12 -14.49 -13.29
CA ALA B 29 -59.37 -13.91 -11.39
CA LEU B 30 -58.21 -12.87 -8.03
CA LYS B 31 -61.49 -13.57 -6.74
CA LEU B 32 -59.68 -16.75 -6.88
CA PHE B 33 -56.33 -15.32 -6.05
CA SER B 34 -57.13 -13.39 -3.20
CA GLY B 35 -59.30 -16.08 -1.75
CA GLU B 36 -56.28 -17.94 -1.79
CA VAL B 37 -54.22 -15.02 -0.40
CA PHE B 38 -55.81 -15.10 2.73
CA THR B 39 -54.16 -18.42 3.73
CA ALA B 40 -51.65 -16.36 5.58
CA PHE B 41 -50.07 -18.24 6.84
CA ASN B 42 -47.95 -20.90 7.84
CA ASN B 43 -45.56 -21.41 10.53
CA ALA B 44 -45.86 -25.14 10.60
CA SER B 45 -42.20 -25.63 10.70
CA ILE B 46 -42.40 -27.59 13.74
CA PHE B 47 -43.25 -30.95 12.65
CA LYS B 48 -39.69 -31.58 11.98
CA GLY B 49 -38.70 -29.75 15.03
CA LEU B 50 -40.34 -32.73 16.68
CA VAL B 51 -37.20 -34.30 15.51
CA ARG B 52 -34.44 -34.04 18.30
CA SER B 53 -34.50 -36.00 16.73
CA TYR B 54 -35.25 -39.43 18.02
CA ASP B 55 -38.71 -40.93 18.38
CA LEU B 56 -42.22 -40.81 18.51
CA ARG B 57 -45.75 -41.96 19.77
CA GLY B 58 -48.56 -44.26 18.23
CA GLY B 59 -51.17 -45.75 20.82
CA LYS B 60 -53.76 -48.14 22.50
CA SER B 61 -56.32 -47.71 25.31
CA LYS B 62 -52.88 -46.39 26.77
CA GLN B 63 -49.10 -46.29 28.12
CA PHE B 64 -45.10 -45.97 27.34
CA MET B 65 -41.72 -46.07 28.88
CA PHE B 66 -38.49 -46.40 31.18
CA THR B 67 -35.22 -44.64 31.90
CA GLY B 68 -32.28 -44.87 34.19
CA LYS B 69 -30.23 -47.36 36.19
CA LEU B 70 -27.04 -47.65 38.24
CA SER B 71 -23.32 -47.66 38.43
CA ALA B 72 -20.55 -48.81 38.68
CA GLY B 73 -16.76 -48.56 39.83
CA TYR B 74 -14.89 -50.00 43.00
CA HIS B 75 -12.37 -52.29 44.84
CA THR B 76 -12.72 -54.10 48.27
CA PRO B 77 -10.97 -57.40 49.13
CA GLY B 78 -9.00 -59.05 51.69
CA THR B 79 -8.23 -61.41 48.91
CA PRO B 80 -11.83 -62.57 49.50
CA ILE B 81 -15.04 -61.23 50.98
CA VAL B 82 -18.61 -62.14 50.21
CA GLY B 83 -20.60 -61.28 47.10
CA ASP B 84 -22.07 -57.85 46.88
CA ALA B 85 -23.35 -54.73 45.35
CA GLY B 86 -25.38 -51.53 44.80
CA ILE B 87 -28.74 -50.65 43.42
CA LYS B 88 -30.85 -48.28 41.57
CA ALA B 89 -34.01 -48.00 39.30
CA ASN B 90 -36.51 -46.01 37.52
CA GLU B 91 -39.52 -44.26 35.97
CA LYS B 92 -40.95 -43.14 32.67
CA THR B 93 -43.76 -42.22 29.83
CA LEU B 94 -47.26 -42.85 27.89
CA VAL B 95 -50.73 -41.05 27.10
CA MET B 96 -53.87 -38.66 26.81
CA ASP B 97 -54.99 -36.19 24.20
CA ASP B 98 -57.81 -34.13 22.40
CA LEU B 99 -59.40 -32.34 19.40
CA LEU B 100 -61.68 -31.04 16.74
CA VAL B 101 -62.77 -28.68 13.83
CA SER B 102 -65.21 -26.12 12.22
CA SER B 103 -67.10 -25.05 9.06
CA GLN B 104 -68.99 -22.36 7.15
CA PHE B 105 -71.46 -19.48 7.36
CA VAL B 106 -69.91 -17.65 4.54
CA TYR B 107 -70.90 -14.51 6.18
CA SER B 108 -71.07 -11.29 4.23
CA LEU B 109 -72.12 -12.97 1.08
CA ASP B 110 -75.75 -12.90 1.93
CA GLU B 111 -75.52 -9.29 0.90
CA ILE B 112 -72.93 -9.35 -1.77
CA PHE B 113 -73.18 -12.20 -2.93
CA SER B 114 -69.98 -13.70 -3.86
CA GLN B 115 -69.16 -16.95 -4.88
CA TYR B 116 -66.55 -18.81 -3.17
CA SER B 117 -65.98 -21.23 -0.47
CA THR B 118 -65.40 -24.84 -0.55
CA ARG B 119 -62.06 -26.60 -0.53
CA ALA B 120 -59.78 -23.83 0.59
CA GLU B 121 -61.22 -23.86 3.92
CA VAL B 122 -60.55 -27.43 4.66
CA SER B 123 -57.03 -27.17 3.30
CA LYS B 124 -56.77 -24.28 5.59
CA GLN B 125 -58.07 -26.87 8.13
CA ILE B 126 -55.47 -29.42 7.56
CA GLY B 127 -52.81 -26.76 7.92
CA GLU B 128 -54.35 -24.87 10.72
CA ALA B 129 -56.11 -27.47 12.95
CA LEU B 130 -53.20 -29.86 12.71
CA ALA B 131 -50.45 -27.25 12.79
CA THR B 132 -52.08 -24.93 15.24
CA HIS B 133 -52.65 -27.81 17.13
CA TYR B 134 -49.56 -29.35 17.56
CA ASP B 135 -47.55 -26.04 17.85
CA GLU B 136 -49.21 -25.00 21.00
CA ARG B 137 -48.27 -28.54 21.99
CA ILE B 138 -44.74 -27.66 20.98
CA ALA B 139 -45.20 -24.54 23.11
CA ARG B 140 -45.85 -27.01 25.85
CA VAL B 141 -43.32 -29.68 25.11
CA LEU B 142 -40.77 -27.10 25.76
CA ALA B 143 -42.44 -25.10 28.39
CA LYS B 144 -42.34 -28.38 30.27
CA ALA B 145 -38.86 -29.42 29.20
CA SER B 146 -38.04 -26.38 31.27
CA ALA B 147 -36.11 -26.45 34.40
CA GLU B 148 -35.29 -29.73 35.64
CA ALA B 149 -37.21 -32.28 37.60
CA SER B 150 -35.79 -35.61 36.66
CA PRO B 151 -34.06 -37.73 35.37
CA VAL B 152 -32.37 -39.54 36.69
CA THR B 153 -33.93 -42.55 37.95
CA GLY B 154 -32.66 -42.68 39.80
CA GLU B 155 -33.34 -41.75 41.84
CA PRO B 156 -30.88 -39.31 42.61
CA GLY B 157 -29.48 -37.29 39.89
CA GLY B 158 -28.35 -36.94 37.48
CA PHE B 159 -27.65 -34.59 34.71
CA HIS B 160 -29.44 -31.84 32.97
CA VAL B 161 -29.14 -28.28 33.56
CA ASN B 162 -30.53 -24.75 33.19
CA ILE B 163 -29.25 -21.61 32.00
CA GLY B 164 -27.31 -18.65 32.97
CA ALA B 165 -28.00 -15.07 33.64
CA GLY B 166 -31.02 -13.03 32.65
CA ASN B 167 -32.30 -9.82 31.00
CA THR B 168 -32.00 -8.82 27.48
CA ASN B 169 -32.26 -11.17 24.61
CA ASP B 170 -29.41 -9.67 22.38
CA ALA B 171 -27.75 -11.18 24.76
CA GLN B 172 -27.66 -14.04 22.67
CA ALA B 173 -24.58 -12.93 20.58
CA ILE B 174 -22.87 -12.35 23.92
CA VAL B 175 -24.59 -15.40 25.38
CA ASP B 176 -23.41 -17.63 22.71
CA GLY B 177 -20.17 -16.06 23.56
CA PHE B 178 -19.77 -18.09 26.48
CA PHE B 179 -21.24 -20.48 25.28
CA GLU B 180 -24.05 -22.90 25.28
CA ALA B 181 -21.66 -25.33 24.01
CA ALA B 182 -20.77 -25.14 27.70
CA ALA B 183 -24.15 -26.64 28.29
CA VAL B 184 -23.18 -28.95 25.27
CA LEU B 185 -19.79 -29.92 27.01
CA ASP B 186 -20.22 -30.07 30.72
CA GLU B 187 -22.79 -32.65 29.85
CA ARG B 188 -20.77 -33.94 27.06
CA SER B 189 -20.49 -36.62 29.61
CA ALA B 190 -23.84 -37.59 28.40
CA PRO B 191 -24.53 -39.43 25.30
CA GLN B 192 -23.11 -37.70 23.38
CA GLU B 193 -21.47 -36.18 20.39
CA GLY B 194 -23.47 -33.28 19.00
CA ARG B 195 -26.67 -32.55 17.53
CA VAL B 196 -28.47 -30.14 15.70
CA ALA B 197 -29.05 -26.53 16.23
CA VAL B 198 -32.22 -24.88 17.01
CA LEU B 199 -34.21 -21.75 16.56
CA SER B 200 -35.33 -18.50 17.62
CA PRO B 201 -37.09 -15.41 16.27
CA ARG B 202 -35.83 -12.57 14.35
CA GLN B 203 -33.42 -11.59 16.99
CA TYR B 204 -31.56 -14.29 15.44
CA TYR B 205 -31.18 -11.78 12.23
CA SER B 206 -30.53 -9.29 14.64
CA LEU B 207 -27.71 -11.61 15.48
CA ILE B 208 -27.01 -12.47 12.02
CA SER B 209 -26.10 -9.27 10.46
CA SER B 210 -26.25 -7.00 12.70
CA VAL B 211 -23.32 -7.63 14.92
CA ASP B 212 -19.76 -7.98 15.06
CA THR B 213 -18.08 -11.00 16.18
CA ASN B 214 -18.85 -13.35 14.34
CA ILE B 215 -19.60 -12.20 11.17
CA LEU B 216 -16.37 -10.78 10.47
CA ASN B 217 -16.19 -11.62 6.91
CA ARG B 218 -17.44 -10.80 4.67
CA GLU B 219 -19.92 -9.53 2.10
CA ILE B 220 -20.47 -8.90 -1.51
CA GLY B 221 -21.84 -5.97 -3.36
CA ASN B 222 -25.32 -5.02 -3.83
CA SER B 223 -28.05 -6.93 -5.52
CA GLN B 224 -30.24 -6.73 -4.63
CA GLY B 225 -32.44 -7.24 -2.61
CA ASP B 226 -32.44 -7.44 0.99
CA MET B 227 -31.14 -10.56 1.51
CA ASN B 228 -27.73 -10.66 0.00
CA SER B 229 -25.83 -11.70 2.98
CA GLY B 230 -28.06 -12.19 4.70
CA LYS B 231 -29.96 -15.39 4.59
CA GLY B 232 -28.80 -18.72 5.67
CA LEU B 233 -27.41 -21.68 4.33
CA TYR B 234 -27.05 -25.20 3.98
CA SER B 235 -29.56 -27.25 5.62
CA ILE B 236 -28.45 -30.20 7.55
CA ALA B 237 -30.87 -30.54 10.37
CA GLY B 238 -32.43 -27.70 11.96
CA ILE B 239 -33.30 -24.16 12.82
CA ARG B 240 -34.81 -22.14 10.13
CA ILE B 241 -38.10 -21.07 10.93
CA LEU B 242 -39.63 -17.96 11.91
CA LYS B 243 -42.56 -18.92 13.93
CA SER B 244 -44.51 -19.89 16.93
CA ASN B 245 -41.73 -20.11 19.54
CA ASN B 246 -42.01 -16.64 20.80
CA LEU B 247 -45.56 -16.47 20.60
CA ALA B 248 -44.82 -19.04 23.28
CA GLY B 249 -43.78 -15.69 24.42
CA LEU B 250 -46.18 -15.64 27.16
CA TYR B 251 -47.89 -15.76 29.43
CA GLY B 252 -50.86 -14.92 31.44
CA GLN B 253 -49.73 -16.64 34.67
CA ASP B 254 -51.20 -19.02 35.11
CA LEU B 255 -53.45 -21.51 36.62
CA SER B 256 -55.96 -22.99 34.41
CA SER B 257 -54.98 -24.83 31.40
CA ALA B 258 -58.22 -26.56 30.64
CA ALA B 259 -56.65 -29.63 29.11
CA VAL B 260 -58.30 -32.34 28.97
CA THR B 261 -55.06 -34.20 28.52
CA GLY B 262 -51.78 -34.22 30.24
CA GLU B 263 -49.77 -32.73 30.91
CA ASN B 264 -47.98 -29.57 29.97
CA ASN B 265 -47.44 -26.05 29.50
CA ASP B 266 -46.35 -24.13 32.57
CA TYR B 267 -46.03 -20.65 33.07
CA GLN B 268 -43.18 -18.70 32.03
CA VAL B 269 -42.37 -16.38 29.48
CA ASP B 270 -40.84 -16.87 26.30
CA ALA B 271 -37.84 -18.90 25.51
CA SER B 272 -34.85 -18.32 23.52
CA ALA B 273 -32.61 -20.81 23.80
CA LEU B 274 -34.65 -24.01 23.39
CA ALA B 275 -31.93 -26.52 22.66
CA GLY B 276 -33.32 -29.14 20.28
CA LEU B 277 -31.76 -31.46 22.32
CA ILE B 278 -32.32 -35.08 21.29
CA PHE B 279 -36.03 -36.47 21.44
CA HIS B 280 -39.35 -37.56 19.43
CA ARG B 281 -42.57 -37.39 18.18
CA GLU B 282 -46.02 -36.28 17.01
CA ALA B 283 -46.49 -36.75 13.36
CA ALA B 284 -49.66 -35.54 11.64
CA GLY B 285 -53.43 -35.73 11.36
CA CYS B 286 -56.60 -36.46 9.44
CA ILE B 287 -59.73 -35.64 7.81
CA GLN B 288 -63.06 -36.05 5.99
CA SER B 289 -66.43 -35.35 7.14
CA VAL B 290 -69.20 -35.79 4.72
CA ALA B 291 -72.44 -37.33 3.91
CA PRO B 292 -76.18 -36.66 3.37
CA THR B 293 -77.76 -37.61 6.60
CA ILE B 294 -76.95 -34.32 8.07
CA GLN B 295 -78.12 -32.57 4.95
CA THR B 296 -81.55 -34.04 5.83
CA THR B 297 -81.99 -32.01 8.93
CA SER B 298 -84.05 -29.72 9.04
CA GLY B 299 -83.09 -29.23 12.59
CA ASP B 300 -80.44 -26.92 13.52
CA PHE B 301 -78.96 -24.54 15.90
CA ASN B 302 -75.90 -22.70 15.08
CA VAL B 303 -75.87 -21.60 11.55
CA GLN B 304 -73.44 -24.19 10.56
CA TYR B 305 -74.90 -26.33 7.71
CA GLN B 306 -71.77 -28.48 6.93
CA GLY B 307 -69.37 -31.14 7.94
CA ASP B 308 -65.98 -31.11 9.51
CA LEU B 309 -62.95 -33.18 10.19
CA ILE B 310 -60.21 -34.16 12.44
CA VAL B 311 -57.36 -36.21 13.75
CA GLY B 312 -56.87 -38.46 16.78
CA LYS B 313 -53.64 -39.31 18.68
CA LEU B 314 -51.52 -37.65 20.73
CA ALA B 315 -48.99 -35.25 21.79
CA MET B 316 -46.28 -35.63 24.35
CA GLY B 317 -42.95 -34.91 25.29
CA CYS B 318 -40.07 -37.18 25.86
CA GLY B 319 -37.57 -40.03 27.39
CA SER B 320 -34.23 -40.66 27.84
CA LEU B 321 -34.95 -38.61 30.99
CA ARG B 322 -34.11 -34.96 30.04
CA THR B 323 -30.86 -32.94 29.93
CA SER B 324 -30.07 -29.14 29.88
CA VAL B 325 -32.02 -27.33 28.14
CA ALA B 326 -33.44 -24.22 26.80
CA GLY B 327 -30.06 -22.43 26.75
CA SER B 328 -31.77 -19.31 27.92
CA PHE B 329 -33.48 -17.68 29.56
CA GLN B 330 -36.61 -16.86 31.26
CA ALA B 331 -38.81 -15.22 33.68
CA ALA B 332 -40.95 -15.31 35.44
CA VAL C 24 -52.85 -50.54 31.63
CA ARG C 25 -50.24 -49.08 31.65
CA TYR C 26 -46.73 -49.03 30.18
CA ALA C 27 -43.63 -50.57 29.46
CA THR C 28 -42.11 -49.31 26.07
CA ALA C 29 -40.02 -48.85 23.56
CA LEU C 30 -38.47 -46.35 25.75
CA LYS C 31 -38.46 -48.56 28.70
CA LEU C 32 -35.79 -50.05 26.63
CA PHE C 33 -34.29 -46.96 25.43
CA SER C 34 -34.14 -44.97 28.33
CA GLY C 35 -33.04 -47.85 30.28
CA GLU C 36 -30.28 -47.75 28.16
CA VAL C 37 -30.31 -43.91 28.58
CA PHE C 38 -29.04 -43.61 31.87
CA THR C 39 -25.83 -45.26 30.66
CA ALA C 40 -24.37 -41.77 30.91
CA PHE C 41 -21.54 -42.83 30.98
CA ASN C 42 -18.18 -43.50 29.09
CA ASN C 43 -15.82 -40.45 28.69
CA ALA C 44 -12.00 -39.74 28.71
CA SER C 45 -10.10 -42.74 27.27
CA ILE C 46 -8.23 -42.53 29.62
CA PHE C 47 -5.49 -44.32 31.50
CA LYS C 48 -4.97 -46.84 28.65
CA GLY C 49 -4.37 -44.97 25.25
CA LEU C 50 -2.32 -42.45 27.27
CA VAL C 51 -0.91 -45.25 29.60
CA ARG C 52 0.20 -47.07 26.51
CA SER C 53 2.63 -44.31 26.10
CA TYR C 54 4.99 -47.23 26.65
CA ASP C 55 7.71 -48.19 28.00
CA LEU C 56 7.60 -50.65 30.63
CA ARG C 57 5.80 -54.10 30.20
CA GLY C 58 4.47 -55.89 33.02
CA GLY C 59 2.95 -59.25 32.54
CA LYS C 60 3.62 -60.16 36.06
CA SER C 61 5.64 -57.70 38.31
CA LYS C 62 7.60 -56.24 40.39
CA GLN C 63 9.12 -55.60 37.30
CA PHE C 64 11.95 -54.66 38.13
CA MET C 65 14.05 -52.83 35.65
CA PHE C 66 16.08 -49.92 35.67
CA THR C 67 17.17 -46.47 34.45
CA GLY C 68 20.17 -44.19 34.48
CA LYS C 69 23.91 -44.18 34.09
CA LEU C 70 26.82 -41.98 33.41
CA SER C 71 29.03 -40.03 31.18
CA ALA C 72 32.66 -38.88 31.37
CA GLY C 73 35.09 -36.36 30.34
CA TYR C 74 37.70 -35.17 30.09
CA HIS C 75 41.02 -33.86 30.06
CA THR C 76 43.90 -34.68 30.12
CA PRO C 77 47.29 -36.25 30.37
CA GLY C 78 48.63 -33.19 31.98
CA THR C 79 52.26 -33.97 31.27
CA PRO C 80 51.77 -37.51 31.07
CA ILE C 81 50.38 -39.78 33.61
CA VAL C 82 48.14 -42.59 32.41
CA GLY C 83 44.56 -42.01 33.26
CA ASP C 84 41.32 -43.02 35.27
CA ALA C 85 37.36 -43.30 35.02
CA GLY C 86 34.30 -42.11 36.69
CA ILE C 87 31.38 -43.89 38.05
CA LYS C 88 27.46 -44.15 38.07
CA ALA C 89 24.23 -46.24 38.36
CA ASN C 90 20.78 -46.80 39.02
CA GLU C 91 17.32 -47.53 40.38
CA LYS C 92 13.69 -48.48 39.82
CA THR C 93 9.96 -49.12 40.40
CA LEU C 94 6.70 -51.13 39.98
CA VAL C 95 4.33 -52.75 42.54
CA MET C 96 0.72 -54.01 42.23
CA ASP C 97 -2.98 -53.41 43.15
CA ASP C 98 -6.45 -55.13 43.43
CA LEU C 99 -10.26 -54.73 42.90
CA LEU C 100 -13.96 -55.58 42.82
CA VAL C 101 -17.74 -55.16 41.68
CA SER C 102 -21.46 -55.12 42.69
CA SER C 103 -24.85 -56.41 41.81
CA GLN C 104 -28.60 -56.18 42.15
CA PHE C 105 -31.64 -55.24 44.31
CA VAL C 106 -33.44 -53.64 41.51
CA TYR C 107 -35.21 -51.48 43.87
CA SER C 108 -38.43 -49.60 43.40
CA LEU C 109 -39.77 -52.34 41.27
CA ASP C 110 -41.15 -54.08 44.21
CA GLU C 111 -43.92 -51.47 44.04
CA ILE C 112 -44.08 -50.72 40.43
CA PHE C 113 -43.22 -53.34 39.09
CA SER C 114 -41.06 -52.89 36.09
CA GLN C 115 -39.44 -55.28 34.06
CA TYR C 116 -35.86 -54.67 33.40
CA SER C 117 -32.46 -55.39 34.56
CA THR C 118 -30.10 -57.81 33.30
CA ARG C 119 -27.21 -57.29 30.98
CA ALA C 120 -27.08 -53.49 30.79
CA GLU C 121 -25.85 -53.53 34.23
CA VAL C 122 -22.94 -55.70 33.48
CA SER C 123 -21.85 -53.65 30.43
CA LYS C 124 -22.30 -50.72 32.64
CA GLN C 125 -19.98 -52.76 34.81
CA ILE C 126 -17.30 -53.29 32.28
CA GLY C 127 -17.44 -49.61 31.27
CA GLU C 128 -17.50 -48.34 34.76
CA ALA C 129 -15.51 -50.80 36.94
CA LEU C 130 -12.59 -50.90 34.59
CA ALA C 131 -12.88 -47.38 33.35
CA THR C 132 -13.56 -46.05 36.76
CA HIS C 133 -10.78 -47.39 38.62
CA TYR C 134 -8.12 -47.00 36.02
CA ASP C 135 -8.89 -43.31 35.54
CA GLU C 136 -8.55 -42.72 39.29
CA ARG C 137 -5.29 -44.27 38.70
CA ILE C 138 -4.57 -41.89 35.91
CA ALA C 139 -5.49 -39.23 38.32
CA ARG C 140 -2.93 -40.69 40.33
CA VAL C 141 -0.34 -41.55 37.58
CA LEU C 142 0.23 -37.98 36.89
CA ALA C 143 -0.60 -36.79 40.41
CA LYS C 144 2.61 -38.58 41.23
CA ALA C 145 4.26 -37.69 37.90
CA SER C 146 4.08 -34.36 39.66
CA ALA C 147 7.03 -32.34 40.67
CA GLU C 148 10.21 -34.05 40.40
CA ALA C 149 11.98 -36.62 42.55
CA SER C 150 14.29 -38.20 40.17
CA PRO C 151 15.48 -39.53 37.80
CA VAL C 152 18.05 -39.58 37.28
CA THR C 153 19.99 -42.40 38.53
CA GLY C 154 22.07 -41.39 39.27
CA GLU C 155 22.16 -40.45 41.66
CA PRO C 156 22.59 -36.82 40.88
CA GLY C 157 20.50 -35.23 38.40
CA GLY C 158 19.61 -35.23 36.18
CA PHE C 159 16.80 -33.72 34.59
CA HIS C 160 13.10 -33.17 34.49
CA VAL C 161 11.30 -30.13 35.26
CA ASN C 162 8.53 -28.08 36.76
CA ILE C 163 6.24 -25.37 35.67
CA GLY C 164 6.00 -21.68 35.76
CA ALA C 165 3.84 -19.18 37.40
CA GLY C 166 0.55 -19.80 38.87
CA ASN C 167 -2.93 -18.47 39.19
CA THR C 168 -5.67 -18.35 36.62
CA ASN C 169 -6.55 -20.89 34.35
CA ASP C 170 -6.92 -18.81 31.26
CA ALA C 171 -3.65 -18.36 31.53
CA GLN C 172 -3.53 -21.17 29.26
CA ALA C 173 -3.58 -19.12 25.91
CA ILE C 174 -1.02 -16.82 27.50
CA VAL C 175 0.68 -19.82 28.95
CA ASP C 176 1.32 -21.34 25.80
CA GLY C 177 2.51 -18.10 24.61
CA PHE C 178 5.71 -18.56 26.46
CA PHE C 179 5.87 -21.71 25.77
CA GLU C 180 5.92 -25.11 27.39
CA ALA C 181 7.67 -25.85 24.28
CA ALA C 182 10.30 -24.46 26.65
CA ALA C 183 9.79 -27.35 28.82
CA VAL C 184 9.98 -29.61 25.70
CA LEU C 185 13.05 -27.71 24.43
CA ASP C 186 15.51 -26.85 27.42
CA GLU C 187 14.15 -30.24 27.37
CA ARG C 188 14.99 -31.44 24.17
CA SER C 189 18.29 -32.27 25.18
CA ALA C 190 16.63 -35.40 26.22
CA PRO C 191 15.39 -38.24 24.17
CA GLN C 192 13.94 -36.83 21.90
CA GLU C 193 12.16 -35.19 19.04
CA GLY C 194 8.58 -34.41 19.90
CA ARG C 195 5.56 -36.08 21.00
CA VAL C 196 1.94 -35.82 21.17
CA ALA C 197 -0.35 -33.43 22.74
CA VAL C 198 -2.50 -33.74 25.66
CA LEU C 199 -5.51 -32.53 27.14
CA SER C 200 -7.25 -30.21 29.29
CA PRO C 201 -10.80 -29.50 30.18
CA ARG C 202 -13.16 -27.11 28.91
CA GLN C 203 -10.69 -24.27 29.01
CA TYR C 204 -9.31 -26.04 26.13
CA TYR C 205 -12.03 -24.63 23.83
CA SER C 206 -12.46 -21.53 25.84
CA LEU C 207 -9.11 -21.36 24.29
CA ILE C 208 -10.35 -22.64 21.04
CA SER C 209 -12.73 -19.99 20.09
CA SER C 210 -12.96 -17.59 22.23
CA VAL C 211 -9.64 -16.12 22.14
CA ASP C 212 -7.53 -13.99 20.19
CA THR C 213 -4.16 -15.14 18.97
CA ASN C 214 -3.98 -17.90 17.62
CA ILE C 215 -6.99 -17.97 15.98
CA LEU C 216 -6.74 -15.39 13.52
CA ASN C 217 -8.29 -17.22 10.56
CA ARG C 218 -10.82 -18.27 9.74
CA GLU C 219 -14.45 -19.30 9.66
CA ILE C 220 -17.30 -20.07 7.51
CA GLY C 221 -20.84 -18.91 7.59
CA ASN C 222 -23.41 -20.34 9.85
CA SER C 223 -24.74 -23.83 9.85
CA GLN C 224 -25.37 -24.79 11.98
CA GLY C 225 -25.38 -25.84 15.11
CA ASP C 226 -22.57 -25.13 17.16
CA MET C 227 -19.77 -26.49 16.41
CA ASN C 228 -19.08 -25.04 13.13
CA SER C 229 -15.56 -23.95 13.84
CA GLY C 230 -15.52 -25.01 16.45
CA LYS C 231 -14.61 -28.62 16.64
CA GLY C 232 -11.27 -30.11 16.16
CA LEU C 233 -9.23 -31.62 13.62
CA TYR C 234 -7.39 -34.52 12.54
CA SER C 235 -6.49 -37.13 14.95
CA ILE C 236 -2.87 -38.21 14.95
CA ALA C 237 -2.12 -39.11 18.52
CA GLY C 238 -3.62 -37.45 21.30
CA ILE C 239 -5.60 -34.86 22.98
CA ARG C 240 -9.40 -34.93 22.91
CA ILE C 241 -11.22 -36.12 25.83
CA LEU C 242 -13.11 -34.54 28.29
CA LYS C 243 -13.32 -35.91 31.16
CA SER C 244 -11.94 -37.00 34.46
CA ASN C 245 -8.80 -35.02 34.44
CA ASN C 246 -10.18 -32.10 36.26
CA LEU C 247 -12.16 -34.15 38.54
CA ALA C 248 -8.56 -34.91 39.39
CA GLY C 249 -9.19 -31.34 40.25
CA LEU C 250 -9.08 -31.95 43.92
CA TYR C 251 -8.36 -32.44 46.69
CA GLY C 252 -9.42 -32.92 50.19
CA GLN C 253 -5.93 -32.77 51.51
CA ASP C 254 -4.74 -35.18 52.46
CA LEU C 255 -3.50 -38.11 54.31
CA SER C 256 -5.36 -41.30 53.70
CA SER C 257 -5.65 -43.00 50.43
CA ALA C 258 -6.46 -46.36 51.83
CA ALA C 259 -4.74 -48.20 49.04
CA VAL C 260 -4.01 -51.27 49.38
CA THR C 261 -1.53 -50.88 46.69
CA GLY C 262 1.29 -48.64 45.90
CA GLU C 263 1.62 -46.02 45.69
CA ASN C 264 -0.79 -43.43 44.79
CA ASN C 265 -1.89 -39.84 44.33
CA ASP C 266 -0.76 -36.93 46.19
CA TYR C 267 -2.47 -34.14 47.05
CA GLN C 268 -2.64 -31.43 44.74
CA VAL C 269 -5.16 -29.58 43.06
CA ASP C 270 -6.16 -29.73 39.48
CA ALA C 271 -3.74 -30.07 36.63
CA SER C 272 -3.95 -28.42 33.27
CA ALA C 273 -0.93 -28.99 31.83
CA LEU C 274 -0.28 -32.73 32.04
CA ALA C 275 1.84 -32.91 29.09
CA GLY C 276 3.05 -36.33 28.77
CA LEU C 277 6.37 -37.74 27.89
CA ILE C 278 7.07 -41.57 27.93
CA PHE C 279 5.10 -43.70 30.71
CA HIS C 280 3.07 -46.00 31.22
CA ARG C 281 1.17 -48.88 29.38
CA GLU C 282 -1.59 -51.03 31.40
CA ALA C 283 -4.60 -52.13 29.40
CA ALA C 284 -8.03 -53.49 30.37
CA GLY C 285 -9.94 -55.97 32.48
CA CYS C 286 -12.29 -58.88 32.84
CA ILE C 287 -15.39 -60.54 33.72
CA GLN C 288 -17.82 -63.37 34.57
CA SER C 289 -19.51 -64.43 37.61
CA VAL C 290 -22.76 -66.41 37.36
CA ALA C 291 -23.24 -69.90 38.00
CA PRO C 292 -24.01 -72.54 40.56
CA THR C 293 -23.01 -69.71 42.83
CA ILE C 294 -26.16 -67.74 42.12
CA GLN C 295 -28.41 -70.87 41.97
CA THR C 296 -26.66 -72.01 45.33
CA THR C 297 -27.10 -68.79 46.81
CA SER C 298 -29.81 -71.26 46.38
CA GLY C 299 -31.27 -69.46 48.59
CA ASP C 300 -28.44 -69.90 51.00
CA PHE C 301 -26.47 -67.79 51.12
CA ASN C 302 -26.35 -64.58 50.55
CA VAL C 303 -27.85 -61.40 48.78
CA GLN C 304 -28.06 -61.62 45.71
CA TYR C 305 -28.07 -65.07 43.93
CA GLN C 306 -25.60 -64.89 40.81
CA GLY C 307 -22.11 -63.85 39.33
CA ASP C 308 -20.34 -60.44 39.94
CA LEU C 309 -17.32 -59.78 38.08
CA ILE C 310 -13.77 -58.52 38.02
CA VAL C 311 -10.24 -57.97 36.59
CA GLY C 312 -6.87 -58.71 38.03
CA LYS C 313 -3.47 -56.95 37.28
CA LEU C 314 -2.37 -53.59 37.77
CA ALA C 315 -1.32 -50.10 37.69
CA MET C 316 2.17 -48.91 37.11
CA GLY C 317 3.26 -45.40 37.10
CA CYS C 318 6.12 -45.35 34.51
CA GLY C 319 8.62 -43.72 36.73
CA SER C 320 8.58 -40.77 34.38
CA LEU C 321 12.14 -41.57 33.33
CA ARG C 322 13.53 -38.19 32.66
CA THR C 323 10.78 -36.50 30.92
CA SER C 324 8.46 -33.86 32.22
CA VAL C 325 6.03 -32.31 33.19
CA ALA C 326 2.55 -31.19 33.82
CA GLY C 327 3.13 -27.88 32.08
CA SER C 328 1.26 -26.12 34.86
CA PHE C 329 0.10 -25.47 37.41
CA GLN C 330 -1.00 -26.37 40.75
CA ALA C 331 -1.61 -25.56 44.21
CA ALA C 332 -1.60 -26.37 46.84
CA VAL D 24 10.64 -61.15 43.55
CA ARG D 25 10.72 -59.77 40.02
CA TYR D 26 10.56 -58.79 36.97
CA ALA D 27 10.81 -57.49 33.31
CA THR D 28 12.89 -56.29 30.18
CA ALA D 29 12.73 -55.23 27.36
CA LEU D 30 13.01 -51.84 28.83
CA LYS D 31 16.30 -52.67 30.67
CA LEU D 32 17.47 -52.38 27.26
CA PHE D 33 15.33 -49.48 26.62
CA SER D 34 15.57 -47.54 29.85
CA GLY D 35 19.28 -48.46 29.82
CA GLU D 36 19.23 -46.52 26.74
CA VAL D 37 16.87 -43.87 28.13
CA PHE D 38 18.97 -42.05 30.33
CA THR D 39 20.93 -41.25 27.17
CA ALA D 40 19.57 -37.72 27.85
CA PHE D 41 20.88 -35.92 26.23
CA ASN D 42 22.18 -33.94 23.46
CA ASN D 43 22.78 -30.36 22.92
CA ALA D 44 25.56 -31.23 20.60
CA SER D 45 24.06 -28.64 18.18
CA ILE D 46 27.12 -26.68 18.20
CA PHE D 47 29.42 -28.43 15.82
CA LYS D 48 27.57 -26.93 13.04
CA GLY D 49 27.46 -23.62 14.88
CA LEU D 50 31.17 -23.61 14.51
CA VAL D 51 30.67 -23.34 10.71
CA ARG D 52 32.95 -23.44 9.53
CA SER D 53 36.83 -24.07 9.46
CA TYR D 54 39.99 -24.58 11.35
CA ASP D 55 42.11 -26.01 13.99
CA LEU D 56 45.59 -27.22 12.69
CA ARG D 57 48.89 -29.09 12.45
CA GLY D 58 51.23 -29.42 10.85
CA GLY D 59 53.33 -29.51 13.97
CA LYS D 60 53.66 -31.26 17.22
CA SER D 61 52.61 -28.71 17.95
CA LYS D 62 51.86 -25.27 17.20
CA GLN D 63 50.73 -22.78 14.34
CA PHE D 64 50.73 -19.26 11.88
CA MET D 65 48.06 -16.49 10.47
CA PHE D 66 47.71 -12.75 9.90
CA THR D 67 45.13 -9.88 9.34
CA GLY D 68 45.25 -6.19 8.72
CA LYS D 69 46.53 -3.70 6.06
CA LEU D 70 46.23 -0.22 5.10
CA SER D 71 44.61 2.29 3.02
CA ALA D 72 45.59 5.54 1.65
CA GLY D 73 44.64 8.83 0.36
CA TYR D 74 45.88 11.87 -0.69
CA HIS D 75 45.60 15.04 -1.88
CA THR D 76 48.30 17.01 -2.84
CA PRO D 77 51.13 19.30 -1.92
CA GLY D 78 49.94 21.80 -3.47
CA THR D 79 53.51 22.92 -3.57
CA PRO D 80 55.50 19.75 -3.76
CA ILE D 81 58.40 17.63 -3.98
CA VAL D 82 56.51 14.60 -5.50
CA GLY D 83 54.58 12.57 -2.89
CA ASP D 84 55.13 10.10 -0.01
CA ALA D 85 53.00 7.15 0.96
CA GLY D 86 51.30 5.62 4.15
CA ILE D 87 51.79 2.48 6.04
CA LYS D 88 50.84 -0.30 8.21
CA ALA D 89 50.46 -3.99 9.24
CA ASN D 90 49.29 -7.02 11.17
CA GLU D 91 48.75 -9.64 13.75
CA LYS D 92 48.10 -13.06 14.86
CA THR D 93 46.65 -16.06 16.79
CA LEU D 94 45.97 -19.80 17.50
CA VAL D 95 47.30 -22.10 20.36
CA MET D 96 46.09 -25.65 21.16
CA ASP D 97 44.32 -27.69 24.11
CA ASP D 98 43.73 -30.89 25.83
CA LEU D 99 41.68 -33.87 26.95
CA LEU D 100 40.73 -37.46 28.11
CA VAL D 101 37.85 -40.00 29.27
CA SER D 102 36.42 -42.31 31.98
CA SER D 103 35.26 -45.93 32.65
CA GLN D 104 33.47 -48.49 34.61
CA PHE D 105 32.40 -49.47 38.23
CA VAL D 106 28.97 -50.44 37.33
CA TYR D 107 27.86 -49.54 40.84
CA SER D 108 24.74 -50.81 42.41
CA LEU D 109 24.87 -54.05 40.54
CA ASP D 110 26.92 -55.96 42.87
CA GLU D 111 23.80 -56.13 45.06
CA ILE D 112 21.20 -56.27 42.30
CA PHE D 113 22.68 -57.67 40.17
CA SER D 114 22.03 -56.17 36.80
CA GLN D 115 22.92 -57.11 33.51
CA TYR D 116 24.08 -54.25 31.45
CA SER D 117 26.89 -52.00 30.55
CA THR D 118 29.04 -52.12 27.62
CA ARG D 119 28.77 -50.18 24.46
CA ALA D 120 26.27 -47.54 25.55
CA GLU D 121 28.60 -45.68 27.71
CA VAL D 122 31.16 -45.49 24.93
CA SER D 123 28.64 -43.90 22.62
CA LYS D 124 27.61 -41.99 25.53
CA GLN D 125 31.06 -40.57 25.59
CA ILE D 126 31.61 -39.97 21.96
CA GLY D 127 28.65 -37.71 22.34
CA GLU D 128 29.47 -36.31 25.75
CA ALA D 129 33.28 -36.17 25.81
CA LEU D 130 33.48 -34.88 22.25
CA ALA D 131 30.40 -32.66 22.60
CA THR D 132 30.69 -31.46 26.17
CA HIS D 133 34.12 -30.74 25.32
CA TYR D 134 33.53 -28.32 22.54
CA ASP D 135 30.52 -26.58 23.93
CA GLU D 136 32.25 -25.34 27.03
CA ARG D 137 34.58 -24.39 24.46
CA ILE D 138 31.99 -22.78 22.27
CA ALA D 139 31.11 -21.09 25.60
CA ARG D 140 34.60 -19.66 25.44
CA VAL D 141 34.83 -18.93 21.80
CA LEU D 142 32.25 -16.25 22.09
CA ALA D 143 32.87 -15.41 25.74
CA LYS D 144 36.15 -14.11 24.32
CA ALA D 145 34.56 -12.92 21.01
CA SER D 146 33.05 -10.61 23.53
CA ALA D 147 33.76 -6.97 23.56
CA GLU D 148 36.19 -5.72 21.22
CA ALA D 149 39.91 -5.95 21.36
CA SER D 150 41.03 -5.79 17.89
CA PRO D 151 41.12 -6.10 14.94
CA VAL D 152 42.20 -4.26 13.25
CA THR D 153 45.87 -4.33 12.66
CA GLY D 154 46.70 -2.16 12.46
CA GLU D 155 47.18 -1.03 14.45
CA PRO D 156 44.42 1.29 14.92
CA GLY D 157 41.00 0.38 14.27
CA GLY D 158 39.14 -0.57 12.85
CA PHE D 159 35.62 -1.44 13.36
CA HIS D 160 33.79 -4.14 15.28
CA VAL D 161 31.23 -3.43 17.83
CA ASN D 162 29.35 -4.09 20.94
CA ILE D 163 26.12 -3.77 22.17
CA GLY D 164 23.34 -1.53 23.33
CA ALA D 165 21.40 -1.16 26.50
CA GLY D 166 20.94 -3.70 29.14
CA ASN D 167 18.51 -5.31 31.50
CA THR D 168 15.76 -7.73 30.79
CA ASN D 169 16.17 -10.32 28.16
CA ASP D 170 12.60 -9.90 26.84
CA ALA D 171 13.96 -7.32 25.51
CA GLN D 172 14.94 -8.75 22.37
CA ALA D 173 11.55 -8.58 20.60
CA ILE D 174 11.95 -4.90 21.37
CA VAL D 175 15.67 -5.23 20.88
CA ASP D 176 15.32 -6.63 17.46
CA GLY D 177 13.02 -3.74 17.00
CA PHE D 178 15.91 -1.48 16.79
CA PHE D 179 17.59 -3.62 15.09
CA GLU D 180 20.71 -5.68 15.61
CA ALA D 181 20.89 -5.31 11.78
CA ALA D 182 21.95 -1.90 12.84
CA ALA D 183 25.01 -3.72 13.97
CA VAL D 184 24.98 -5.69 10.70
CA LEU D 185 24.47 -2.51 8.75
CA ASP D 186 26.55 0.07 10.35
CA GLU D 187 28.88 -2.97 9.79
CA ARG D 188 27.80 -3.48 6.41
CA SER D 189 30.76 -1.57 5.38
CA ALA D 190 32.64 -4.68 6.12
CA PRO D 191 32.65 -7.63 4.18
CA GLN D 192 29.83 -8.12 3.72
CA GLU D 193 26.53 -9.02 2.81
CA GLY D 194 24.50 -11.14 5.09
CA ARG D 195 24.85 -14.20 7.05
CA VAL D 196 22.94 -16.56 8.93
CA ALA D 197 21.10 -16.25 12.03
CA VAL D 198 21.80 -17.62 15.40
CA LEU D 199 20.49 -18.68 18.62
CA SER D 200 19.26 -18.11 21.98
CA PRO D 201 17.17 -19.89 24.48
CA ARG D 202 13.73 -20.53 25.40
CA GLN D 203 13.11 -16.77 25.22
CA TYR D 204 13.48 -17.27 21.58
CA TYR D 205 9.93 -18.59 21.30
CA SER D 206 8.79 -16.63 24.17
CA LEU D 207 9.40 -14.30 21.26
CA ILE D 208 7.94 -16.50 18.84
CA SER D 209 4.42 -16.83 20.05
CA SER D 210 3.79 -14.85 22.58
CA VAL D 211 4.45 -11.45 21.50
CA ASP D 212 3.01 -9.04 19.31
CA THR D 213 4.58 -7.45 16.40
CA ASN D 214 5.96 -9.52 14.46
CA ILE D 215 3.74 -12.13 14.43
CA LEU D 216 0.82 -10.49 12.87
CA ASN D 217 -0.58 -13.45 11.03
CA ARG D 218 -1.30 -16.28 11.17
CA GLU D 219 -2.47 -19.49 12.81
CA ILE D 220 -4.81 -22.17 11.97
CA GLY D 221 -6.88 -24.20 14.11
CA ASN D 222 -6.32 -26.75 16.60
CA SER D 223 -4.17 -29.79 16.07
CA GLN D 224 -2.92 -30.48 18.01
CA GLY D 225 -0.45 -30.72 20.27
CA ASP D 226 1.48 -27.86 21.10
CA MET D 227 3.42 -26.93 18.61
CA ASN D 228 0.99 -26.01 15.88
CA SER D 229 2.48 -22.66 15.14
CA GLY D 230 4.84 -22.31 16.95
CA LYS D 231 7.65 -24.30 15.47
CA GLY D 232 9.59 -22.61 12.75
CA LEU D 233 10.81 -23.37 9.62
CA TYR D 234 13.02 -24.00 6.92
CA SER D 235 16.38 -24.51 7.64
CA ILE D 236 18.95 -22.77 5.49
CA ALA D 237 21.82 -22.12 7.81
CA GLY D 238 21.41 -21.69 11.37
CA ILE D 239 19.60 -21.15 14.58
CA ARG D 240 17.80 -23.42 16.20
CA ILE D 241 18.97 -25.00 19.10
CA LEU D 242 18.47 -25.22 22.65
CA LYS D 243 21.09 -25.54 24.12
CA SER D 244 24.20 -24.90 26.05
CA ASN D 245 24.21 -21.18 25.15
CA ASN D 246 22.72 -20.09 28.38
CA LEU D 247 24.41 -22.56 30.54
CA ALA D 248 27.09 -20.18 29.33
CA GLY D 249 24.80 -18.26 31.57
CA LEU D 250 27.33 -17.80 34.19
CA TYR D 251 29.50 -17.08 35.88
CA GLY D 252 31.25 -17.49 39.12
CA GLN D 253 33.62 -14.55 38.59
CA ASP D 254 36.22 -15.53 38.03
CA LEU D 255 39.96 -16.03 38.22
CA SER D 256 41.09 -19.49 37.53
CA SER D 257 40.24 -21.43 34.50
CA ALA D 258 42.82 -24.02 34.95
CA ALA D 259 43.32 -24.53 31.24
CA VAL D 260 45.97 -25.92 30.17
CA THR D 261 45.53 -24.34 26.87
CA GLY D 262 44.75 -20.92 25.67
CA GLU D 263 43.02 -18.98 25.80
CA ASN D 264 39.65 -18.69 26.80
CA ASN D 265 36.65 -17.68 28.27
CA ASP D 266 36.27 -15.05 30.59
CA TYR D 267 33.55 -14.18 33.05
CA GLN D 268 30.82 -12.95 31.20
CA VAL D 269 27.32 -13.43 32.34
CA ASP D 270 24.80 -14.95 29.89
CA ALA D 271 24.75 -13.95 26.22
CA SER D 272 21.70 -13.51 24.09
CA ALA D 273 22.67 -12.05 21.18
CA LEU D 274 25.67 -13.96 19.96
CA ALA D 275 25.80 -13.09 16.29
CA GLY D 276 27.12 -16.04 14.29
CA LEU D 277 29.42 -14.21 11.78
CA ILE D 278 30.13 -17.32 10.24
CA PHE D 279 33.66 -18.22 10.74
CA HIS D 280 35.66 -20.73 12.57
CA ARG D 281 36.03 -24.37 13.19
CA GLU D 282 36.56 -27.33 15.65
CA ALA D 283 35.44 -30.53 13.92
CA ALA D 284 35.26 -33.74 15.94
CA GLY D 285 37.24 -36.41 17.66
CA CYS D 286 38.21 -39.94 18.39
CA ILE D 287 38.23 -43.12 20.17
CA GLN D 288 39.25 -46.63 21.00
CA SER D 289 41.00 -47.94 23.97
CA VAL D 290 41.52 -51.58 24.34
CA ALA D 291 43.71 -54.56 24.84
CA PRO D 292 43.83 -57.10 27.40
CA THR D 293 46.70 -57.39 29.41
CA ILE D 294 47.45 -54.17 31.19
CA GLN D 295 44.02 -53.07 32.15
CA THR D 296 43.33 -56.31 33.83
CA THR D 297 46.67 -57.03 35.06
CA SER D 298 46.21 -54.04 37.11
CA GLY D 299 45.44 -50.61 38.11
CA ASP D 300 45.55 -47.70 40.80
CA PHE D 301 42.99 -45.72 42.87
CA ASN D 302 39.96 -46.11 40.83
CA VAL D 303 39.18 -49.09 39.10
CA GLN D 304 37.20 -49.72 35.91
CA TYR D 305 38.34 -50.95 32.67
CA GLN D 306 38.07 -51.88 29.96
CA GLY D 307 39.98 -48.81 29.01
CA ASP D 308 39.04 -45.55 27.60
CA LEU D 309 39.31 -43.43 24.78
CA ILE D 310 39.84 -39.90 23.46
CA VAL D 311 40.58 -37.18 20.71
CA GLY D 312 43.46 -35.09 19.76
CA LYS D 313 43.63 -31.44 18.82
CA LEU D 314 42.31 -28.23 19.25
CA ALA D 315 40.07 -25.43 20.14
CA MET D 316 40.43 -21.76 19.06
CA GLY D 317 38.63 -18.74 18.63
CA CYS D 318 38.67 -17.34 15.06
CA GLY D 319 40.14 -14.04 16.00
CA SER D 320 36.82 -12.51 15.01
CA LEU D 321 38.64 -10.94 12.21
CA ARG D 322 36.42 -7.92 11.73
CA THR D 323 33.18 -8.99 12.83
CA SER D 324 30.85 -8.46 15.58
CA VAL D 325 29.22 -9.03 17.93
CA ALA D 326 27.06 -10.66 20.51
CA GLY D 327 24.11 -8.48 19.69
CA SER D 328 23.46 -8.23 23.44
CA PHE D 329 23.84 -8.00 26.37
CA GLN D 330 25.67 -8.88 29.33
CA ALA D 331 26.58 -8.07 32.86
CA ALA D 332 28.77 -7.99 34.84
CA VAL E 24 57.49 -23.07 12.61
CA ARG E 25 55.51 -20.39 10.19
CA TYR E 26 52.05 -21.84 8.69
CA ALA E 27 50.06 -19.65 7.99
CA THR E 28 49.33 -17.45 4.93
CA ALA E 29 46.34 -19.15 5.09
CA LEU E 30 44.65 -16.43 7.09
CA LYS E 31 47.61 -14.45 6.68
CA LEU E 32 46.40 -14.14 3.27
CA PHE E 33 42.92 -13.98 4.29
CA SER E 34 42.83 -11.58 7.13
CA GLY E 35 45.26 -9.72 5.03
CA GLU E 36 42.51 -9.27 2.85
CA VAL E 37 40.08 -8.81 5.76
CA PHE E 38 40.36 -5.36 6.92
CA THR E 39 39.53 -4.45 3.48
CA ALA E 40 36.54 -3.09 5.35
CA PHE E 41 35.11 -1.43 3.69
CA ASN E 42 33.13 -0.14 0.86
CA ASN E 43 30.41 2.23 0.91
CA ALA E 44 31.18 3.25 -2.52
CA SER E 45 27.63 3.25 -3.27
CA ILE E 46 27.50 6.62 -4.49
CA PHE E 47 28.88 6.44 -7.97
CA LYS E 48 25.81 5.76 -9.42
CA GLY E 49 23.89 7.85 -6.99
CA LEU E 50 25.63 10.35 -9.22
CA VAL E 51 23.46 9.13 -11.96
CA ARG E 52 23.61 10.42 -14.39
CA SER E 53 24.25 13.15 -16.86
CA TYR E 54 27.96 13.46 -17.00
CA ASP E 55 31.01 15.53 -16.50
CA LEU E 56 34.37 14.53 -17.28
CA ARG E 57 37.23 16.17 -17.71
CA GLY E 58 40.19 14.44 -16.01
CA GLY E 59 41.72 17.55 -17.87
CA LYS E 60 42.04 21.30 -17.23
CA SER E 61 39.16 22.45 -15.02
CA LYS E 62 36.70 25.34 -15.96
CA GLN E 63 33.34 26.00 -18.04
CA PHE E 64 29.38 26.56 -18.36
CA MET E 65 26.26 25.68 -18.42
CA PHE E 66 23.25 27.76 -18.88
CA THR E 67 19.71 27.56 -17.66
CA GLY E 68 17.08 30.17 -17.88
CA LYS E 69 14.51 32.11 -19.96
CA LEU E 70 11.01 33.38 -20.10
CA SER E 71 7.37 33.14 -20.72
CA ALA E 72 4.80 35.73 -21.58
CA GLY E 73 -3.64 41.21 -26.55
CA TYR E 74 -4.64 41.48 -29.51
CA HIS E 75 -3.71 42.07 -33.35
CA THR E 76 -4.77 45.24 -34.95
CA PRO E 77 -4.71 48.01 -36.38
CA GLY E 78 -3.28 49.10 -39.79
CA THR E 79 -2.66 52.06 -39.94
CA PRO E 80 -0.28 49.74 -39.56
CA ILE E 81 0.84 46.73 -37.30
CA VAL E 82 0.78 44.12 -34.72
CA GLY E 83 2.57 42.10 -32.05
CA ASP E 84 5.39 41.43 -29.58
CA ALA E 85 8.22 39.85 -27.34
CA GLY E 86 9.24 40.05 -23.53
CA ILE E 87 12.30 39.47 -21.40
CA LYS E 88 14.88 37.60 -19.55
CA ALA E 89 17.68 35.10 -19.21
CA ASN E 90 20.59 33.39 -17.90
CA GLU E 91 23.24 31.70 -15.81
CA LYS E 92 25.56 28.86 -15.10
CA THR E 93 28.30 27.00 -13.24
CA LEU E 94 31.25 24.46 -13.00
CA VAL E 95 34.84 24.75 -11.66
CA MET E 96 37.33 21.82 -11.06
CA ASP E 97 39.46 20.08 -8.31
CA ASP E 98 42.55 18.12 -7.41
CA LEU E 99 44.22 15.26 -5.53
CA LEU E 100 46.99 12.80 -4.52
CA VAL E 101 48.10 9.37 -2.86
CA SER E 102 49.97 7.34 -0.24
CA SER E 103 52.22 4.18 -0.04
CA GLN E 104 54.07 2.06 2.55
CA PHE E 105 56.36 1.61 5.91
CA VAL E 106 54.99 -1.64 6.53
CA TYR E 107 55.16 -0.86 10.25
CA SER E 108 55.47 -3.46 12.96
CA LEU E 109 57.00 -5.98 10.68
CA ASP E 110 60.37 -4.75 11.37
CA GLU E 111 59.90 -6.82 14.60
CA ILE E 112 57.58 -9.55 13.48
CA PHE E 113 58.50 -9.91 10.65
CA SER E 114 55.52 -10.81 8.50
CA GLN E 115 55.44 -11.17 4.88
CA TYR E 116 52.83 -9.12 3.18
CA SER E 117 51.97 -5.93 1.58
CA THR E 118 51.86 -5.42 -1.98
CA ARG E 119 48.89 -5.41 -4.32
CA ALA E 120 46.19 -5.07 -1.66
CA GLU E 121 47.07 -1.61 -0.59
CA VAL E 122 46.69 -0.63 -4.16
CA SER E 123 43.06 -1.95 -4.43
CA LYS E 124 42.50 -0.43 -1.19
CA GLN E 125 43.52 2.82 -2.56
CA ILE E 126 41.66 2.52 -5.80
CA GLY E 127 38.55 1.94 -3.76
CA GLU E 128 39.40 4.33 -1.01
CA ALA E 129 41.10 7.30 -2.83
CA LEU E 130 38.53 7.58 -5.45
CA ALA E 131 35.73 6.43 -3.27
CA THR E 132 36.53 8.54 -0.35
CA HIS E 133 37.24 11.67 -1.96
CA TYR E 134 34.09 11.04 -3.66
CA ASP E 135 31.43 10.61 -1.07
CA GLU E 136 33.05 13.58 0.67
CA ARG E 137 32.20 15.33 -2.60
CA ILE E 138 28.81 13.66 -2.63
CA ALA E 139 28.47 14.95 0.98
CA ARG E 140 29.11 18.29 -0.66
CA VAL E 141 27.11 18.04 -3.83
CA LEU E 142 24.16 17.75 -1.77
CA ALA E 143 25.18 19.90 1.25
CA LYS E 144 25.20 22.61 -1.38
CA ALA E 145 22.03 21.47 -3.18
CA SER E 146 20.63 22.54 0.16
CA ALA E 147 18.25 25.31 0.56
CA GLU E 148 17.70 27.44 -2.26
CA ALA E 149 19.56 30.05 -4.22
CA SER E 150 18.32 29.82 -7.59
CA PRO E 151 17.35 28.86 -10.28
CA VAL E 152 15.80 30.25 -11.92
CA THR E 153 17.26 32.66 -14.26
CA GLY E 154 15.71 34.51 -14.30
CA GLU E 155 16.29 36.25 -12.77
CA PRO E 156 13.43 35.78 -10.51
CA GLY E 157 12.15 32.50 -9.63
CA GLY E 158 11.29 30.29 -9.87
CA PHE E 159 10.98 27.13 -8.24
CA HIS E 160 12.61 24.67 -6.13
CA VAL E 161 11.97 24.00 -2.63
CA ASN E 162 12.68 23.39 0.86
CA ILE E 163 11.46 21.20 3.68
CA GLY E 164 8.94 20.99 6.43
CA ALA E 165 9.12 20.77 10.15
CA GLY E 166 12.07 19.57 12.06
CA ASN E 167 13.14 17.46 15.03
CA THR E 168 13.20 13.75 15.36
CA ASN E 169 14.34 11.37 12.91
CA ASP E 170 11.51 8.75 13.07
CA ALA E 171 9.69 11.15 11.77
CA GLN E 172 10.10 10.02 8.38
CA ALA E 173 7.44 7.27 8.51
CA ILE E 174 5.25 10.15 9.64
CA VAL E 175 6.99 12.54 7.38
CA ASP E 176 6.60 10.54 4.38
CA GLY E 177 3.01 10.38 5.54
CA PHE E 178 2.77 13.91 4.40
CA PHE E 179 4.35 13.45 1.96
CA GLU E 180 7.38 14.70 0.28
CA ALA E 181 5.73 13.67 -2.81
CA ALA E 182 4.12 16.90 -1.89
CA ALA E 183 7.58 18.21 -2.86
CA VAL E 184 7.16 16.10 -6.03
CA LEU E 185 3.77 17.39 -7.13
CA ASP E 186 3.60 20.93 -6.08
CA GLU E 187 6.50 21.20 -8.49
CA ARG E 188 5.17 18.43 -10.50
CA SER E 189 4.74 21.55 -12.48
CA ALA E 190 8.25 21.13 -13.43
CA PRO E 191 9.71 18.74 -15.77
CA GLN E 192 8.54 16.14 -14.87
CA GLU E 193 6.99 12.81 -14.25
CA GLY E 194 8.76 10.92 -11.54
CA ARG E 195 12.09 9.74 -10.62
CA VAL E 196 13.93 7.46 -8.43
CA ALA E 197 14.14 7.09 -4.80
CA VAL E 198 17.00 7.89 -2.62
CA LEU E 199 18.36 6.61 0.40
CA SER E 200 18.90 6.94 4.01
CA PRO E 201 20.83 5.26 6.79
CA ARG E 202 19.65 2.75 9.31
CA GLN E 203 16.40 4.49 10.23
CA TYR E 204 15.33 3.57 6.81
CA TYR E 205 14.87 -0.06 8.21
CA SER E 206 13.77 1.27 11.43
CA LEU E 207 11.08 2.35 9.13
CA ILE E 208 10.80 -0.69 7.30
CA SER E 209 10.02 -3.20 9.93
CA SER E 210 9.49 -1.61 12.70
CA VAL E 211 6.49 0.54 12.09
CA ASP E 212 3.01 0.19 11.27
CA THR E 213 1.52 1.77 8.42
CA ASN E 214 2.76 0.87 5.83
CA ILE E 215 3.62 -2.41 6.35
CA LEU E 216 0.32 -3.83 6.78
CA ASN E 217 1.03 -6.99 5.32
CA ARG E 218 2.33 -9.15 6.16
CA GLU E 219 5.03 -11.90 7.16
CA ILE E 220 6.30 -15.40 6.42
CA GLY E 221 7.52 -17.81 9.08
CA ASN E 222 10.94 -17.95 10.45
CA SER E 223 14.04 -18.76 8.36
CA GLN E 224 15.92 -17.75 9.23
CA GLY E 225 17.98 -15.51 10.79
CA ASP E 226 17.70 -12.40 9.68
CA MET E 227 16.49 -10.66 7.36
CA ASN E 228 13.28 -12.56 6.36
CA SER E 229 11.19 -9.63 5.63
CA GLY E 230 13.12 -7.82 6.06
CA LYS E 231 15.39 -6.88 3.18
CA GLY E 232 14.51 -5.25 -0.01
CA LEU E 233 13.12 -5.66 -3.37
CA TYR E 234 13.54 -5.10 -6.87
CA SER E 235 16.13 -2.81 -7.93
CA ILE E 236 15.03 -0.42 -10.63
CA ALA E 237 17.00 2.70 -9.92
CA GLY E 238 18.02 3.71 -6.65
CA ILE E 239 18.34 3.75 -3.01
CA ARG E 240 19.99 0.95 -1.03
CA ILE E 241 23.14 1.67 0.53
CA LEU E 242 24.15 2.61 3.80
CA LYS E 243 26.41 4.61 3.78
CA SER E 244 28.46 7.66 4.14
CA ASN E 245 25.40 9.79 3.77
CA ASN E 246 25.01 10.25 7.51
CA LEU E 247 28.58 10.65 8.20
CA ALA E 248 27.56 13.80 6.28
CA GLY E 249 25.96 13.89 9.60
CA LEU E 250 28.08 16.60 10.85
CA TYR E 251 29.40 19.20 11.27
CA GLY E 252 31.91 21.16 13.19
CA GLN E 253 30.72 24.51 12.11
CA ASP E 254 32.23 25.59 9.93
CA LEU E 255 34.36 28.18 8.33
CA SER E 256 37.32 26.75 6.71
CA SER E 257 37.20 23.91 4.30
CA ALA E 258 40.53 24.44 2.76
CA ALA E 259 39.53 23.37 -0.74
CA VAL E 260 41.45 24.18 -3.18
CA THR E 261 38.68 23.85 -5.68
CA GLY E 262 35.15 25.09 -5.65
CA GLU E 263 32.78 25.23 -4.27
CA ASN E 264 31.53 23.03 -1.75
CA ASN E 265 29.82 21.94 1.41
CA ASP E 266 28.67 24.10 3.82
CA TYR E 267 27.92 23.23 7.10
CA GLN E 268 24.98 22.12 8.27
CA VAL E 269 23.89 18.92 10.02
CA ASP E 270 22.65 15.53 8.72
CA ALA E 271 20.26 15.09 5.94
CA SER E 272 17.59 12.47 5.67
CA ALA E 273 15.82 13.40 2.88
CA LEU E 274 18.08 14.00 -0.06
CA ALA E 275 15.82 13.63 -3.00
CA GLY E 276 18.04 12.21 -5.71
CA LEU E 277 16.81 14.40 -8.47
CA ILE E 278 18.27 12.60 -11.46
CA PHE E 279 21.21 14.58 -12.55
CA HIS E 280 24.97 15.27 -12.45
CA ARG E 281 28.20 13.51 -12.74
CA GLU E 282 31.64 12.45 -11.50
CA ALA E 283 32.65 9.09 -12.86
CA ALA E 284 35.88 7.45 -11.65
CA GLY E 285 39.63 7.62 -11.45
CA CYS E 286 43.12 6.47 -12.24
CA ILE E 287 46.34 4.91 -11.31
CA GLN E 288 49.98 3.66 -10.72
CA SER E 289 53.92 4.27 -9.70
CA VAL E 290 57.50 2.55 -10.31
CA ALA E 291 60.36 4.88 -11.05
CA PRO E 292 60.26 4.71 -7.17
CA THR E 293 62.29 1.60 -7.83
CA ILE E 294 64.96 3.56 -9.86
CA GLN E 295 64.72 6.08 -6.95
CA THR E 296 65.41 3.10 -4.81
CA THR E 297 67.89 3.88 -7.35
CA SER E 298 69.28 7.00 -6.17
CA GLY E 299 71.06 5.55 -3.17
CA ASP E 300 68.41 6.60 -0.70
CA PHE E 301 65.10 8.27 -0.69
CA ASN E 302 61.94 8.21 -1.55
CA VAL E 303 59.54 5.43 -0.38
CA GLN E 304 57.04 4.31 -2.60
CA TYR E 305 59.02 4.57 -6.00
CA GLN E 306 56.06 2.52 -7.04
CA GLY E 307 53.06 1.46 -5.04
CA ASP E 308 51.50 4.90 -5.74
CA LEU E 309 49.08 6.78 -8.12
CA ILE E 310 46.02 9.10 -8.66
CA VAL E 311 43.21 10.41 -10.90
CA GLY E 312 42.70 13.79 -12.25
CA LYS E 313 39.88 15.98 -12.85
CA LEU E 314 36.62 16.90 -11.20
CA ALA E 315 33.68 17.15 -8.89
CA MET E 316 30.66 19.10 -9.56
CA GLY E 317 27.38 20.05 -8.13
CA CYS E 318 24.94 20.12 -10.95
CA GLY E 319 23.34 23.45 -10.29
CA SER E 320 20.09 21.61 -9.26
CA LEU E 321 18.38 23.13 -12.26
CA ARG E 322 14.83 23.72 -10.80
CA THR E 323 14.46 20.70 -8.80
CA SER E 324 14.45 20.20 -5.16
CA VAL E 325 15.23 19.15 -2.48
CA ALA E 326 16.46 17.18 0.49
CA GLY E 327 13.00 16.23 1.59
CA SER E 328 14.11 16.69 5.23
CA PHE E 329 15.41 18.15 7.49
CA GLN E 330 18.25 19.86 9.05
CA ALA E 331 19.72 22.03 11.65
CA ALA E 332 21.61 24.04 12.39
CA VAL F 24 39.22 31.80 -17.10
CA ARG F 25 37.21 29.54 -19.53
CA TYR F 26 34.31 27.67 -21.68
CA ALA F 27 32.15 24.55 -22.53
CA THR F 28 28.82 23.32 -23.79
CA ALA F 29 27.24 20.01 -22.84
CA LEU F 30 24.83 21.15 -20.15
CA LYS F 31 24.52 24.62 -21.90
CA LEU F 32 22.57 22.65 -24.34
CA PHE F 33 21.05 20.71 -21.59
CA SER F 34 20.26 23.48 -19.20
CA GLY F 35 19.14 25.59 -22.15
CA GLU F 36 16.64 23.07 -22.57
CA VAL F 37 16.20 22.57 -18.84
CA PHE F 38 14.07 25.42 -18.11
CA THR F 39 11.47 24.04 -20.51
CA ALA F 40 9.55 23.76 -17.26
CA PHE F 41 7.06 23.02 -18.28
CA ASN F 42 3.78 21.50 -19.43
CA ASN F 43 0.51 21.01 -17.79
CA ALA F 44 -1.01 20.96 -21.17
CA SER F 45 -3.07 18.06 -20.37
CA ILE F 46 -6.35 19.40 -20.86
CA PHE F 47 -6.37 19.15 -24.59
CA LYS F 48 -7.84 15.93 -24.04
CA GLY F 49 -9.80 17.18 -21.24
CA LEU F 50 -11.30 19.01 -24.11
CA VAL F 51 -12.69 15.68 -25.46
CA ARG F 52 -14.44 15.62 -27.40
CA SER F 53 -17.04 16.94 -29.85
CA TYR F 54 -15.27 19.48 -31.83
CA ASP F 55 -15.38 22.87 -33.03
CA LEU F 56 -12.88 24.31 -35.20
CA ARG F 57 -13.56 26.92 -37.50
CA GLY F 58 -14.25 29.00 -40.34
CA GLY F 59 -12.64 32.48 -41.07
CA LYS F 60 -14.44 34.09 -39.55
CA SER F 61 -18.21 33.96 -39.47
CA LYS F 62 -21.20 31.70 -38.57
CA GLN F 63 -23.26 28.84 -37.00
CA PHE F 64 -24.19 28.22 -33.29
CA MET F 65 -26.27 25.13 -32.48
CA PHE F 66 -29.67 24.43 -30.91
CA THR F 67 -30.95 22.38 -28.04
CA GLY F 68 -34.26 21.70 -26.47
CA LYS F 69 -37.75 20.39 -27.34
CA LEU F 70 -40.80 19.20 -25.30
CA SER F 71 -42.91 16.26 -24.18
CA ALA F 72 -44.03 14.38 -23.55
CA GLY F 73 -47.09 12.15 -23.18
CA TYR F 74 -50.38 12.02 -20.81
CA HIS F 75 -54.05 13.11 -19.62
CA THR F 76 -57.68 12.97 -18.06
CA PRO F 77 -59.03 13.92 -20.61
CA GLY F 78 -61.26 15.35 -23.26
CA THR F 79 -64.84 14.62 -24.07
CA PRO F 80 -66.04 16.14 -26.26
CA ILE F 81 -63.33 17.57 -28.49
CA VAL F 82 -59.79 16.97 -29.20
CA GLY F 83 -57.90 19.99 -27.87
CA ASP F 84 -54.12 20.40 -27.88
CA ALA F 85 -50.82 20.48 -26.38
CA GLY F 86 -47.94 20.97 -26.01
CA ILE F 87 -45.39 23.28 -27.42
CA LYS F 88 -41.81 24.16 -26.86
CA ALA F 89 -38.29 25.35 -28.03
CA ASN F 90 -35.48 26.63 -28.63
CA GLU F 91 -31.79 28.09 -28.22
CA LYS F 92 -28.13 28.52 -29.00
CA THR F 93 -24.45 29.30 -28.52
CA LEU F 94 -20.92 29.96 -29.93
CA VAL F 95 -18.89 33.14 -30.55
CA MET F 96 -15.13 33.42 -31.42
CA ASP F 97 -11.56 34.64 -30.24
CA ASP F 98 -8.08 35.87 -31.27
CA LEU F 99 -4.43 35.87 -30.13
CA LEU F 100 -0.63 36.56 -30.27
CA VAL F 101 3.17 35.70 -29.80
CA SER F 102 6.50 37.26 -28.82
CA SER F 103 10.25 37.17 -29.57
CA GLN F 104 13.95 37.75 -28.57
CA PHE F 105 16.40 40.08 -27.03
CA VAL F 106 18.47 37.40 -25.47
CA TYR F 107 19.23 39.61 -22.58
CA SER F 108 22.29 39.09 -20.43
CA LEU F 109 24.32 37.84 -23.31
CA ASP F 110 25.53 41.17 -24.35
CA GLU F 111 27.93 40.80 -21.44
CA ILE F 112 28.40 37.11 -21.27
CA PHE F 113 28.20 36.42 -24.18
CA SER F 114 26.75 33.09 -24.51
CA GLN F 115 25.66 31.53 -27.47
CA TYR F 116 22.19 30.09 -27.48
CA SER F 117 18.66 30.82 -28.61
CA THR F 118 16.97 29.73 -31.52
CA ARG F 119 14.49 26.92 -31.84
CA ALA F 120 13.83 26.25 -28.22
CA GLU F 121 11.87 29.29 -27.71
CA VAL F 122 9.66 28.66 -30.59
CA SER F 123 8.96 25.19 -29.30
CA LYS F 124 8.40 26.64 -25.92
CA GLN F 125 6.24 28.97 -27.84
CA ILE F 126 4.10 26.24 -29.45
CA GLY F 127 3.67 24.64 -26.05
CA GLU F 128 3.14 27.83 -24.08
CA ALA F 129 1.08 30.07 -26.46
CA LEU F 130 -1.27 27.39 -27.55
CA ALA F 131 -1.27 25.59 -24.19
CA THR F 132 -1.38 28.67 -22.00
CA HIS F 133 -3.89 30.34 -23.91
CA TYR F 134 -6.12 27.21 -24.00
CA ASP F 135 -5.88 26.53 -20.38
CA GLU F 136 -6.97 29.74 -19.13
CA ARG F 137 -9.75 29.08 -21.50
CA ILE F 138 -10.33 25.72 -19.93
CA ALA F 139 -10.39 27.84 -16.81
CA ARG F 140 -13.23 29.77 -18.41
CA VAL F 141 -15.13 26.84 -19.84
CA LEU F 142 -15.95 25.38 -16.61
CA ALA F 143 -15.87 28.72 -14.75
CA LYS F 144 -18.91 29.43 -16.92
CA ALA F 145 -20.16 25.74 -16.86
CA SER F 146 -20.62 26.81 -13.35
CA ALA F 147 -23.93 27.05 -11.66
CA GLU F 148 -26.92 26.75 -13.65
CA ALA F 149 -28.32 28.83 -16.41
CA SER F 150 -30.12 26.77 -18.70
CA PRO F 151 -30.79 24.48 -20.52
CA VAL F 152 -33.24 23.70 -21.12
CA THR F 153 -35.08 25.23 -23.81
CA GLY F 154 -37.25 25.25 -22.86
CA GLU F 155 -38.25 27.53 -21.82
CA PRO F 156 -38.43 26.06 -18.46
CA GLY F 157 -36.24 23.51 -17.11
CA GLY F 158 -34.93 21.40 -16.91
CA PHE F 159 -32.06 19.59 -15.56
CA HIS F 160 -28.81 20.38 -14.40
CA VAL F 161 -27.51 20.86 -11.12
CA ASN F 162 -25.27 22.37 -8.67
CA ILE F 163 -23.26 21.41 -5.56
CA GLY F 164 -23.59 20.40 -1.94
CA ALA F 165 -22.15 21.84 1.19
CA GLY F 166 -19.02 23.92 1.36
CA ASN F 167 -15.85 24.39 3.32
CA THR F 168 -12.77 22.30 3.41
CA ASN F 169 -11.25 20.55 0.70
CA ASP F 170 -10.60 17.30 2.39
CA ALA F 171 -13.86 16.92 2.16
CA GLN F 172 -13.61 15.19 -0.96
CA ALA F 173 -13.00 11.70 0.51
CA ILE F 174 -16.04 12.49 2.67
CA VAL F 175 -17.64 14.24 -0.24
CA ASP F 176 -17.44 11.44 -2.53
CA GLY F 177 -18.86 9.45 0.16
CA PHE F 178 -22.21 10.82 -0.35
CA PHE F 179 -21.50 10.77 -3.41
CA GLU F 180 -21.03 12.51 -6.83
CA ALA F 181 -22.78 9.79 -8.31
CA ALA F 182 -26.16 11.24 -7.22
CA ALA F 183 -25.28 14.14 -9.25
CA VAL F 184 -24.81 11.62 -12.00
CA LEU F 185 -27.70 9.60 -10.87
CA ASP F 186 -30.51 12.02 -10.04
CA GLU F 187 -29.56 12.95 -13.53
CA ARG F 188 -29.13 9.61 -14.70
CA SER F 189 -32.43 10.46 -15.96
CA ALA F 190 -30.77 12.54 -18.40
CA PRO F 191 -28.98 10.80 -21.09
CA GLN F 192 -27.29 8.50 -20.11
CA GLU F 193 -24.96 5.83 -18.71
CA GLY F 194 -21.67 6.97 -17.35
CA ARG F 195 -18.81 9.02 -18.11
CA VAL F 196 -15.23 9.50 -17.48
CA ALA F 197 -13.65 10.77 -14.43
CA VAL F 198 -12.15 14.05 -13.87
CA LEU F 199 -9.61 15.59 -11.86
CA SER F 200 -8.18 17.65 -9.14
CA PRO F 201 -4.99 18.75 -7.50
CA ARG F 202 -2.77 17.04 -5.30
CA GLN F 203 -5.42 16.61 -2.88
CA TYR F 204 -6.32 13.94 -5.20
CA TYR F 205 -3.32 12.01 -3.44
CA SER F 206 -4.01 13.37 -0.22
CA LEU F 207 -7.05 11.35 -0.96
CA ILE F 208 -5.22 8.59 -2.61
CA SER F 209 -2.98 7.37 0.16
CA SER F 210 -3.56 9.05 2.80
CA VAL F 211 -7.20 8.43 3.97
CA ASP F 212 -8.84 5.30 5.03
CA THR F 213 -11.92 4.13 3.39
CA ASN F 214 -11.39 3.58 0.42
CA ILE F 215 -8.00 2.47 0.50
CA LEU F 216 -8.19 -0.49 2.62
CA ASN F 217 -6.14 -2.98 0.79
CA ARG F 218 -3.38 -3.19 0.20
CA GLU F 219 0.33 -2.56 -0.19
CA ILE F 220 3.49 -4.09 -1.07
CA GLY F 221 6.85 -3.70 0.60
CA ASN F 222 9.17 -0.91 -0.08
CA SER F 223 10.67 -0.14 -3.31
CA GLN F 224 11.30 2.09 -3.52
CA GLY F 225 10.94 5.46 -4.12
CA ASP F 226 7.79 7.05 -3.38
CA MET F 227 5.44 6.15 -5.56
CA ASN F 228 5.07 2.63 -4.67
CA SER F 229 1.32 2.53 -4.20
CA GLY F 230 0.96 5.26 -4.77
CA LYS F 231 0.65 5.96 -8.39
CA GLY F 232 -2.38 5.33 -10.53
CA LEU F 233 -3.29 2.92 -13.14
CA TYR F 234 -4.89 2.07 -16.34
CA SER F 235 -6.08 4.83 -18.37
CA ILE F 236 -9.37 4.52 -20.12
CA ALA F 237 -10.29 8.05 -20.42
CA GLY F 238 -9.75 10.70 -17.94
CA ILE F 239 -8.21 12.27 -15.00
CA ARG F 240 -4.60 12.34 -14.24
CA ILE F 241 -3.08 15.68 -14.23
CA LEU F 242 -1.96 18.21 -12.22
CA LYS F 243 -2.28 21.07 -13.23
CA SER F 244 -3.75 24.05 -14.50
CA ASN F 245 -7.11 23.47 -12.75
CA ASN F 246 -6.49 25.08 -9.37
CA LEU F 247 -4.66 28.03 -10.48
CA ALA F 248 -8.09 28.35 -11.70
CA GLY F 249 -8.08 28.76 -8.01
CA LEU F 250 -8.73 32.31 -7.99
CA TYR F 251 -9.60 35.09 -7.83
CA GLY F 252 -9.39 38.73 -7.78
CA GLN F 253 -13.13 39.50 -8.09
CA ASP F 254 -13.70 40.35 -10.65
CA LEU F 255 -15.05 42.81 -13.13
CA SER F 256 -12.73 43.19 -16.07
CA SER F 257 -11.83 40.48 -18.19
CA ALA F 258 -10.81 42.51 -21.19
CA ALA F 259 -11.76 39.84 -23.65
CA VAL F 260 -12.09 40.73 -26.66
CA THR F 261 -14.06 37.62 -27.27
CA GLY F 262 -17.00 36.03 -25.62
CA GLU F 263 -17.72 34.97 -23.23
CA ASN F 264 -15.55 33.89 -20.28
CA ASN F 265 -14.52 33.38 -17.01
CA ASP F 266 -16.66 34.46 -14.33
CA TYR F 267 -15.59 35.10 -10.87
CA GLN F 268 -15.33 31.75 -9.38
CA VAL F 269 -12.94 30.54 -6.68
CA ASP F 270 -11.29 27.26 -7.22
CA ALA F 271 -13.23 24.27 -8.21
CA SER F 272 -12.75 20.85 -7.21
CA ALA F 273 -15.19 18.91 -8.49
CA LEU F 274 -15.37 19.71 -12.21
CA ALA F 275 -17.27 16.83 -13.60
CA GLY F 276 -15.96 16.20 -17.10
CA LEU F 277 -19.15 15.44 -18.88
CA ILE F 278 -17.87 14.46 -22.18
CA PHE F 279 -18.41 17.36 -24.54
CA HIS F 280 -16.81 20.32 -26.36
CA ARG F 281 -13.82 21.06 -28.23
CA GLU F 282 -10.90 23.20 -29.16
CA ALA F 283 -8.05 21.42 -30.81
CA ALA F 284 -4.72 23.15 -31.41
CA GLY F 285 -2.84 25.89 -33.17
CA CYS F 286 -0.27 27.14 -35.59
CA ILE F 287 2.92 28.78 -36.56
CA GLN F 288 5.61 30.06 -38.98
CA SER F 289 6.88 33.56 -39.01
CA VAL F 290 9.89 34.38 -41.08
CA ALA F 291 11.84 37.27 -42.30
CA PRO F 292 14.19 39.53 -44.62
CA THR F 293 11.49 42.26 -44.84
CA ILE F 294 11.60 42.39 -41.20
CA GLN F 295 15.38 42.12 -41.54
CA THR F 296 15.71 45.32 -43.61
CA THR F 297 13.94 47.23 -40.85
CA SER F 298 13.24 48.54 -38.62
CA GLY F 299 14.05 51.36 -36.02
CA ASP F 300 13.48 50.94 -32.21
CA PHE F 301 10.54 51.34 -29.77
CA ASN F 302 10.82 47.66 -29.23
CA VAL F 303 14.12 45.91 -29.13
CA GLN F 304 12.47 43.19 -30.89
CA TYR F 305 14.66 41.91 -33.82
CA GLN F 306 12.69 38.84 -35.22
CA GLY F 307 9.58 37.12 -36.17
CA ASP F 308 6.77 35.39 -34.43
CA LEU F 309 4.05 33.00 -34.86
CA ILE F 310 0.45 32.14 -34.34
CA VAL F 311 -2.90 30.29 -34.39
CA GLY F 312 -6.26 31.44 -35.35
CA LYS F 313 -9.61 30.13 -34.13
CA LEU F 314 -11.63 29.59 -31.25
CA ALA F 315 -12.59 28.79 -27.87
CA MET F 316 -16.03 27.96 -26.53
CA GLY F 317 -17.91 26.53 -23.82
CA CYS F 318 -20.15 23.78 -25.03
CA GLY F 319 -23.35 25.17 -23.63
CA SER F 320 -23.25 22.31 -21.13
CA LEU F 321 -26.38 20.94 -22.64
CA ARG F 322 -28.25 19.48 -19.77
CA THR F 323 -25.56 17.98 -17.67
CA SER F 324 -23.70 19.11 -14.66
CA VAL F 325 -21.66 20.00 -12.80
CA ALA F 326 -18.61 20.85 -10.90
CA GLY F 327 -19.32 18.38 -8.15
CA SER F 328 -18.00 20.91 -5.66
CA PHE F 329 -17.87 23.59 -4.59
CA GLN F 330 -16.93 27.16 -4.49
CA ALA F 331 -17.04 30.28 -2.45
CA ALA F 332 -17.26 33.12 -2.91
CA VAL G 24 19.18 67.52 -81.37
CA ARG G 25 19.55 65.41 -78.33
CA TYR G 26 22.76 63.90 -76.67
CA ALA G 27 25.10 64.69 -73.57
CA THR G 28 27.54 61.84 -72.74
CA ALA G 29 29.35 59.97 -73.83
CA LEU G 30 30.70 62.20 -71.09
CA LYS G 31 27.48 61.80 -69.33
CA LEU G 32 28.83 58.37 -68.68
CA PHE G 33 32.29 59.57 -68.11
CA SER G 34 31.68 62.43 -65.76
CA GLY G 35 29.01 60.41 -64.19
CA GLU G 36 31.74 58.35 -63.19
CA VAL G 37 34.26 61.14 -62.80
CA PHE G 38 32.99 62.41 -59.67
CA THR G 39 34.26 59.01 -58.31
CA ALA G 40 36.78 61.07 -56.62
CA PHE G 41 37.89 59.12 -54.88
CA ASN G 42 39.61 56.44 -52.84
CA ASN G 43 42.14 56.82 -50.40
CA ALA G 44 41.42 53.34 -49.29
CA SER G 45 45.02 52.48 -48.84
CA ILE G 46 44.69 51.62 -45.41
CA PHE G 47 43.26 48.38 -45.86
CA LYS G 48 46.56 46.97 -46.18
CA GLY G 49 47.87 49.21 -43.57
CA LEU G 50 46.05 47.07 -41.15
CA VAL G 51 48.12 44.11 -42.07
CA ARG G 52 48.24 41.69 -40.76
CA SER G 53 45.23 39.66 -39.75
CA TYR G 54 41.50 38.49 -38.84
CA ASP G 55 37.89 37.24 -38.05
CA LEU G 56 34.81 36.58 -35.57
CA ARG G 57 31.01 36.88 -34.13
CA GLY G 58 27.76 39.00 -32.78
CA GLY G 59 25.83 40.25 -31.04
CA LYS G 60 25.60 39.82 -27.95
CA SER G 61 28.78 40.50 -28.01
CA LYS G 62 32.10 39.11 -26.75
CA GLN G 63 35.49 37.40 -27.04
CA PHE G 64 39.24 35.71 -26.36
CA MET G 65 42.93 37.17 -25.86
CA PHE G 66 45.94 37.73 -23.40
CA THR G 67 49.48 38.98 -23.10
CA GLY G 68 52.36 39.25 -20.74
CA LYS G 69 53.62 37.80 -17.68
CA LEU G 70 57.30 36.69 -18.26
CA SER G 71 58.86 33.55 -20.01
CA ALA G 72 62.24 31.60 -19.16
CA GLY G 73 65.33 29.55 -17.64
CA TYR G 74 68.05 28.88 -19.54
CA HIS G 75 71.66 27.97 -18.48
CA THR G 76 74.55 27.36 -16.93
CA PRO G 77 77.81 26.06 -15.83
CA GLY G 78 76.89 25.25 -12.34
CA THR G 79 77.76 21.72 -11.35
CA PRO G 80 75.37 20.64 -13.22
CA ILE G 81 71.73 21.88 -12.79
CA VAL G 82 68.15 21.87 -12.05
CA GLY G 83 65.36 23.45 -9.82
CA ASP G 84 63.20 26.69 -9.45
CA ALA G 85 60.50 29.02 -11.30
CA GLY G 86 59.17 32.66 -11.94
CA ILE G 87 55.81 34.99 -11.87
CA LYS G 88 52.99 37.67 -12.31
CA ALA G 89 49.81 37.92 -14.98
CA ASN G 90 48.12 39.24 -17.83
CA GLU G 91 45.30 41.01 -19.44
CA LYS G 92 43.25 41.68 -22.38
CA THR G 93 41.01 43.39 -25.03
CA LEU G 94 38.48 43.33 -28.03
CA VAL G 95 34.84 44.57 -28.36
CA MET G 96 32.66 45.07 -31.49
CA ASP G 97 30.99 47.73 -33.61
CA ASP G 98 28.27 48.65 -35.89
CA LEU G 99 27.13 50.32 -39.25
CA LEU G 100 24.90 51.58 -42.17
CA VAL G 101 24.14 52.89 -45.77
CA SER G 102 22.06 55.25 -47.91
CA SER G 103 20.09 55.64 -51.18
CA GLN G 104 18.45 57.76 -53.88
CA PHE G 105 16.62 61.01 -54.63
CA VAL G 106 18.50 61.75 -57.64
CA TYR G 107 17.85 65.40 -57.20
CA SER G 108 18.14 67.97 -59.90
CA LEU G 109 16.83 65.84 -62.56
CA ASP G 110 13.25 66.41 -61.82
CA GLU G 111 13.94 69.55 -63.92
CA ILE G 112 16.67 68.44 -66.23
CA PHE G 113 15.93 65.53 -66.65
CA SER G 114 18.93 63.43 -67.01
CA GLN G 115 19.20 60.02 -67.11
CA TYR G 116 21.63 58.33 -64.88
CA SER G 117 21.93 56.70 -61.61
CA THR G 118 22.08 53.15 -60.75
CA ARG G 119 25.10 50.98 -60.17
CA ALA G 120 27.65 53.72 -59.70
CA GLU G 121 26.41 54.66 -56.30
CA VAL G 122 26.57 51.30 -54.95
CA SER G 123 30.16 50.97 -56.03
CA LYS G 124 30.59 54.31 -54.66
CA GLN G 125 29.07 52.80 -51.63
CA ILE G 126 31.24 49.83 -51.40
CA GLY G 127 34.35 52.03 -51.73
CA GLU G 128 33.03 54.72 -49.42
CA ALA G 129 30.98 52.93 -46.70
CA LEU G 130 33.57 50.24 -46.12
CA ALA G 131 36.59 52.42 -46.79
CA THR G 132 35.26 55.42 -45.03
CA HIS G 133 34.39 53.94 -41.87
CA TYR G 134 37.40 51.83 -41.44
CA ASP G 135 39.49 54.75 -42.02
CA GLU G 136 38.07 56.67 -39.18
CA ARG G 137 38.71 53.52 -37.43
CA ILE G 138 42.27 53.54 -38.60
CA ALA G 139 42.25 57.12 -37.40
CA ARG G 140 41.24 55.88 -34.04
CA VAL G 141 43.34 52.71 -34.17
CA LEU G 142 46.48 54.65 -33.78
CA ALA G 143 44.82 57.62 -32.02
CA LYS G 144 44.50 55.15 -29.23
CA ALA G 145 47.81 53.40 -30.05
CA SER G 146 48.89 56.77 -28.75
CA ALA G 147 50.88 57.32 -25.71
CA GLU G 148 51.13 54.64 -23.46
CA ALA G 149 49.06 52.66 -21.02
CA SER G 150 50.17 49.23 -21.15
CA PRO G 151 51.40 46.56 -21.81
CA VAL G 152 52.80 45.02 -20.05
CA THR G 153 51.05 42.75 -17.84
CA GLY G 154 52.31 42.78 -15.73
CA GLU G 155 51.50 44.43 -14.27
CA PRO G 156 54.41 46.65 -14.25
CA GLY G 157 56.11 47.51 -17.35
CA GLY G 158 57.29 47.16 -19.57
CA PHE G 159 58.13 48.66 -22.82
CA HIS G 160 57.01 50.76 -25.34
CA VAL G 161 57.52 54.36 -25.79
CA ASN G 162 56.77 57.82 -26.79
CA ILE G 163 58.04 60.54 -28.85
CA GLY G 164 60.60 63.27 -28.80
CA ALA G 165 60.21 65.90 -31.20
CA GLY G 166 60.11 69.07 -31.05
CA ASN G 167 57.35 71.23 -32.54
CA THR G 168 57.07 72.46 -36.16
CA ASN G 169 58.97 71.11 -38.32
CA ASP G 170 60.22 71.19 -41.84
CA ALA G 171 62.92 68.95 -40.51
CA GLN G 172 60.86 66.26 -38.68
CA ALA G 173 62.65 64.40 -41.07
CA ILE G 174 66.10 65.74 -40.15
CA VAL G 175 66.33 65.76 -36.37
CA ASP G 176 63.31 63.77 -35.30
CA GLY G 177 63.58 61.39 -38.19
CA PHE G 178 67.10 60.23 -38.09
CA PHE G 179 66.26 59.84 -34.38
CA GLU G 180 63.01 58.03 -34.97
CA ALA G 181 64.60 55.73 -37.56
CA ALA G 182 66.78 55.34 -34.53
CA ALA G 183 63.67 54.76 -32.50
CA VAL G 184 62.15 52.53 -35.13
CA LEU G 185 64.60 49.98 -34.03
CA ASP G 186 65.61 51.60 -31.04
CA GLU G 187 62.49 49.67 -30.37
CA ARG G 188 63.88 47.54 -31.58
CA SER G 189 63.34 44.11 -31.84
CA ALA G 190 62.77 46.29 -34.65
CA PRO G 191 62.05 46.15 -38.37
CA GLN G 192 63.94 42.58 -39.16
CA GLU G 193 61.18 41.49 -40.47
CA GLY G 194 57.47 42.66 -40.52
CA ARG G 195 55.37 45.44 -42.33
CA VAL G 196 55.61 49.01 -41.30
CA ALA G 197 57.51 51.47 -43.54
CA VAL G 198 55.87 54.91 -44.07
CA LEU G 199 53.78 57.11 -43.92
CA SER G 200 53.59 60.95 -43.90
CA PRO G 201 51.08 62.84 -46.07
CA ARG G 202 51.96 65.54 -48.60
CA GLN G 203 54.44 66.44 -45.96
CA TYR G 204 55.61 62.80 -46.07
CA TYR G 205 56.45 63.34 -49.81
CA SER G 206 57.82 66.87 -49.70
CA LEU G 207 60.00 66.10 -46.81
CA ILE G 208 61.82 63.14 -48.29
CA SER G 209 62.26 64.38 -51.76
CA SER G 210 63.33 67.79 -50.81
CA VAL G 211 65.99 66.59 -48.43
CA ASP G 212 67.57 64.93 -51.54
CA THR G 213 67.00 62.74 -54.49
CA ASN G 214 67.60 64.76 -57.70
CA ILE G 215 68.82 62.87 -60.52
CA LEU G 216 72.29 63.20 -61.86
CA ASN G 217 71.23 61.95 -65.44
CA ARG G 218 72.25 59.89 -67.52
CA GLU G 219 73.00 56.56 -68.25
CA ILE G 220 71.97 56.04 -64.55
CA GLY G 221 72.71 57.56 -61.18
CA ASN G 222 75.07 59.91 -59.59
CA SER G 223 73.20 63.15 -58.33
CA GLN G 224 73.61 67.12 -58.33
CA GLY G 225 73.06 70.53 -56.38
CA ASP G 226 72.13 73.05 -55.12
CA MET G 227 68.34 72.63 -55.04
CA ASN G 228 66.72 69.56 -56.41
CA SER G 229 65.25 66.19 -56.50
CA GLY G 230 64.10 63.51 -59.10
CA LYS G 231 62.58 60.09 -59.26
CA GLY G 232 60.66 58.85 -56.72
CA LEU G 233 58.77 56.56 -54.46
CA TYR G 234 57.87 53.90 -53.13
CA SER G 235 58.26 53.53 -49.42
CA ILE G 236 59.32 50.45 -47.30
CA ALA G 237 57.74 46.79 -47.02
CA GLY G 238 54.94 49.06 -48.04
CA ILE G 239 55.18 52.79 -49.00
CA ARG G 240 52.29 55.24 -48.33
CA ILE G 241 49.95 57.89 -46.89
CA LEU G 242 48.42 61.24 -47.88
CA LYS G 243 45.52 59.59 -47.56
CA SER G 244 43.46 59.92 -44.56
CA ASN G 245 46.09 59.99 -41.88
CA ASN G 246 46.30 63.71 -41.66
CA LEU G 247 42.79 64.59 -41.67
CA ALA G 248 43.24 62.44 -38.68
CA GLY G 249 44.78 65.76 -38.22
CA LEU G 250 42.30 66.95 -35.86
CA TYR G 251 40.70 67.60 -33.61
CA GLY G 252 37.65 69.23 -32.21
CA GLN G 253 39.05 68.46 -28.63
CA ASP G 254 36.73 66.46 -27.78
CA LEU G 255 34.28 64.82 -25.39
CA SER G 256 31.76 63.10 -27.48
CA SER G 257 32.41 60.46 -29.94
CA ALA G 258 28.95 58.96 -29.87
CA ALA G 259 30.14 55.42 -30.54
CA VAL G 260 28.13 53.08 -30.07
CA THR G 261 31.13 50.86 -29.85
CA GLY G 262 34.38 50.75 -28.05
CA GLU G 263 36.66 52.22 -27.81
CA ASN G 264 37.92 54.99 -29.83
CA ASN G 265 39.81 57.93 -30.78
CA ASP G 266 40.86 60.38 -28.51
CA TYR G 267 41.81 63.84 -29.15
CA GLN G 268 44.88 64.21 -30.37
CA VAL G 269 46.11 66.34 -33.11
CA ASP G 270 47.69 65.01 -36.25
CA ALA G 271 50.24 62.27 -36.36
CA SER G 272 53.26 62.01 -38.55
CA ALA G 273 55.05 59.39 -37.30
CA LEU G 274 52.72 56.38 -37.04
CA ALA G 275 55.00 53.45 -36.91
CA GLY G 276 53.24 50.52 -38.46
CA LEU G 277 53.92 47.70 -35.92
CA ILE G 278 53.06 44.81 -38.00
CA PHE G 279 49.76 43.86 -36.35
CA HIS G 280 45.92 43.89 -36.40
CA ARG G 281 43.09 43.27 -38.45
CA GLU G 282 39.81 44.55 -39.97
CA ALA G 283 39.26 43.09 -43.45
CA ALA G 284 36.24 44.18 -45.52
CA GLY G 285 32.50 44.31 -45.83
CA CYS G 286 29.35 43.56 -47.58
CA ILE G 287 26.36 44.33 -49.59
CA GLN G 288 23.02 43.83 -51.26
CA SER G 289 19.61 45.06 -50.45
CA VAL G 290 16.83 44.39 -52.80
CA ALA G 291 13.36 43.18 -53.35
CA PRO G 292 9.81 44.18 -54.13
CA THR G 293 8.21 44.40 -50.84
CA ILE G 294 9.34 47.82 -50.08
CA GLN G 295 8.36 48.55 -53.66
CA THR G 296 4.76 47.98 -52.50
CA THR G 297 4.78 50.89 -50.10
CA SER G 298 3.06 53.23 -50.78
CA GLY G 299 3.96 54.50 -47.41
CA ASP G 300 7.02 56.40 -46.86
CA PHE G 301 8.55 59.50 -45.34
CA ASN G 302 11.93 60.76 -46.34
CA VAL G 303 12.11 60.61 -50.17
CA GLN G 304 14.36 57.59 -50.45
CA TYR G 305 12.54 55.30 -52.76
CA GLN G 306 15.22 52.35 -52.81
CA GLY G 307 17.32 49.79 -50.99
CA ASP G 308 20.69 49.91 -49.39
CA LEU G 309 23.47 47.78 -48.21
CA ILE G 310 25.82 46.91 -45.47
CA VAL G 311 28.59 44.99 -43.63
CA GLY G 312 28.69 43.53 -40.12
CA LYS G 313 31.52 43.09 -37.69
CA LEU G 314 34.05 45.03 -36.08
CA ALA G 315 36.95 47.25 -35.69
CA MET G 316 39.69 47.01 -33.14
CA GLY G 317 42.95 48.29 -32.15
CA CYS G 318 45.13 45.49 -31.18
CA GLY G 319 46.34 46.31 -27.97
CA SER G 320 49.74 47.34 -29.33
CA LEU G 321 51.42 44.42 -27.59
CA ARG G 322 54.62 46.01 -26.57
CA THR G 323 55.49 47.89 -29.56
CA SER G 324 55.48 51.55 -30.20
CA VAL G 325 54.94 54.21 -31.32
CA ALA G 326 53.80 57.03 -33.53
CA GLY G 327 57.33 58.36 -34.02
CA SER G 328 56.14 61.89 -33.42
CA PHE G 329 54.59 64.15 -32.56
CA GLN G 330 51.49 65.57 -31.32
CA ALA G 331 49.59 68.45 -29.59
CA ALA G 332 47.57 69.05 -27.73
#